data_9LOL
#
_entry.id   9LOL
#
_cell.length_a   1.00
_cell.length_b   1.00
_cell.length_c   1.00
_cell.angle_alpha   90.00
_cell.angle_beta   90.00
_cell.angle_gamma   90.00
#
_symmetry.space_group_name_H-M   'P 1'
#
loop_
_entity.id
_entity.type
_entity.pdbx_description
1 polymer 'Vacuolar fusion protein CCZ1 homolog B'
2 polymer 'Vacuolar fusion protein MON1 homolog A'
3 polymer 'Ras-related protein Rab-7a'
#
loop_
_entity_poly.entity_id
_entity_poly.type
_entity_poly.pdbx_seq_one_letter_code
_entity_poly.pdbx_strand_id
1 'polypeptide(L)'
;MAAAAAGAGSGPWAAQEKQFPPALLSFFIYNPRFGPREGQEENKILFYHPNEVEKNEKIRNVGLCEAIVQFTRTFSPSKP
AKSLHTQKNRQFFNEPEENFWMVMVVRNPIIEKQSKDGKPVIEYQEEELLDKVYSSVLRQCYSMYKLFNGTFLKAMEDGG
VKLLKERLEKFFHRYLQTLHLQSCDLLDIFGGISFFPLDKMTYLKIQSFINRMEESLNIVKYTAFLYNDQLIWSGLEQDD
MRILYKYLTTSLFPRHIEPELAGRDSPIRAEMPGNLQHYGRFLTGPLNLNDPDAKCRFPKIFVNTDDTYEELHLIVYKAM
SAAVCFMIDASVHPTLDFCRRLDSIVGPQLTVLASDICEQFNINKRMSGSEKEPQFKFIYFNHMNLAEKSTVHMRKTPSV
SLTSVHPDLMKILGDINSDFTRVDEDEEIIVKAMSDYWVVGKKSDRRELYVILNQKNANLIEVNEEVKKLCATQFNNIFF
LD
;
A
2 'polypeptide(L)'
;MATDMQRKRSSECLDGTLTPSDGQSMERAESPTPGMAQGMEPGAGQEGAMFVHARSYEDLTESEDGAASGDSHKEGTRGP
PPLPTDMRQISQDFSELSTQLTGVARDLQEEMLPGSSEDWLEPPGAVGRPATEPPREGTTEGDEEDATEAWRLHQKHVFV
LSEAGKPVYSRYGSEEALSSTMGVMVALVSFLEADKNAIRSIHADGYKVVFVRRSPLVLVAVARTRQSAQELAQELLYIY
YQILSLLTGAQLSHIFQQKQNYDLRRLLSGSERITDNLLQLMARDPSFLMGAARCLPLAAAVRDTVSASLQQARARSLVF
SILLARNQLVALVRRKDQFLHPIDLHLLFNLISSSSSFREGEAWTPVCLPKFNAAGFFHAHISYLEPDTDLCLLLVSTDR
EDFFAVSDCRRRFQERLRKRGAHLALREALRTPYYSVAQVGIPDLRHFLYKSKSSGLFTSPEIEAPYTSEEEQERLLGLY
QYLHSRAHNASRPLKTIYYTGPNENLLAWVTGAFELYMCYSPLGTKASAVSAIHKLMRWIRKEEDRLFILTPLTY
;
B
3 'polypeptide(L)'
;MTSRKKVLLKVIILGDSGVGKTSLMNQYVNKKFSNQYKATIGADFLTKEVMVDDRLVTMQIWDTAGQERFQSLGVAFYRG
ADCCVLVFDVTAPNTFKTLDSWRDEFLIQASPRDPENFPFVVLGIKIDLENRQVATKRAQAWCYSKNNIPYFETSAKEAI
NVEQAFQTIARNALKQETEVELYNEFPEPIKLDKNDRAKASAESCSC
;
C
#
# COMPACT_ATOMS: atom_id res chain seq x y z
N GLN A 16 -1.73 -20.53 -25.12
CA GLN A 16 -3.09 -20.28 -24.67
C GLN A 16 -3.13 -19.99 -23.17
N GLU A 17 -2.82 -18.75 -22.80
CA GLU A 17 -2.83 -18.37 -21.40
C GLU A 17 -4.26 -18.34 -20.86
N LYS A 18 -4.42 -18.76 -19.61
CA LYS A 18 -5.71 -18.77 -18.94
C LYS A 18 -5.79 -17.62 -17.95
N GLN A 19 -6.88 -16.86 -18.03
CA GLN A 19 -7.12 -15.70 -17.17
C GLN A 19 -8.21 -16.05 -16.17
N PHE A 20 -7.87 -15.97 -14.89
CA PHE A 20 -8.83 -16.21 -13.81
C PHE A 20 -9.15 -14.87 -13.15
N PRO A 21 -10.39 -14.39 -13.24
CA PRO A 21 -10.73 -13.09 -12.68
C PRO A 21 -10.78 -13.14 -11.16
N PRO A 22 -10.87 -11.99 -10.49
CA PRO A 22 -11.02 -12.00 -9.03
C PRO A 22 -12.33 -12.66 -8.61
N ALA A 23 -12.30 -13.28 -7.44
CA ALA A 23 -13.46 -13.95 -6.88
C ALA A 23 -13.51 -13.71 -5.38
N LEU A 24 -14.73 -13.75 -4.83
CA LEU A 24 -14.93 -13.57 -3.40
C LEU A 24 -14.42 -14.80 -2.68
N LEU A 25 -13.22 -14.71 -2.11
CA LEU A 25 -12.66 -15.83 -1.35
C LEU A 25 -13.46 -16.07 -0.09
N SER A 26 -13.69 -15.03 0.70
CA SER A 26 -14.41 -15.21 1.95
C SER A 26 -14.99 -13.88 2.43
N PHE A 27 -15.91 -13.97 3.37
CA PHE A 27 -16.61 -12.80 3.88
C PHE A 27 -17.02 -13.09 5.31
N PHE A 28 -16.57 -12.28 6.27
CA PHE A 28 -16.97 -12.57 7.64
C PHE A 28 -17.12 -11.29 8.45
N ILE A 29 -18.07 -11.34 9.38
CA ILE A 29 -18.37 -10.24 10.29
C ILE A 29 -18.08 -10.74 11.71
N TYR A 30 -17.32 -9.97 12.47
CA TYR A 30 -16.96 -10.37 13.82
C TYR A 30 -17.00 -9.17 14.74
N ASN A 31 -16.81 -9.44 16.03
CA ASN A 31 -16.74 -8.42 17.07
C ASN A 31 -15.71 -8.85 18.11
N PRO A 32 -14.54 -8.21 18.16
CA PRO A 32 -13.50 -8.66 19.09
C PRO A 32 -13.87 -8.53 20.55
N ARG A 33 -14.86 -7.70 20.90
CA ARG A 33 -15.25 -7.58 22.29
C ARG A 33 -15.93 -8.84 22.80
N PHE A 34 -16.62 -9.56 21.93
CA PHE A 34 -17.23 -10.82 22.33
C PHE A 34 -16.16 -11.87 22.60
N GLY A 35 -16.44 -12.75 23.55
CA GLY A 35 -15.52 -13.80 23.92
C GLY A 35 -14.19 -13.26 24.39
N PRO A 36 -14.16 -12.60 25.55
CA PRO A 36 -12.90 -12.03 26.04
C PRO A 36 -12.00 -13.09 26.67
N ARG A 37 -12.60 -14.13 27.23
CA ARG A 37 -11.83 -15.18 27.89
C ARG A 37 -11.47 -16.28 26.92
N GLU A 38 -10.48 -17.09 27.30
CA GLU A 38 -9.97 -18.14 26.43
C GLU A 38 -11.03 -19.19 26.16
N GLY A 39 -11.01 -19.76 24.95
CA GLY A 39 -11.93 -20.79 24.54
C GLY A 39 -13.22 -20.28 23.91
N GLN A 40 -13.50 -18.98 24.03
CA GLN A 40 -14.67 -18.37 23.41
C GLN A 40 -14.30 -17.45 22.25
N GLU A 41 -13.15 -17.67 21.63
CA GLU A 41 -12.81 -16.92 20.43
C GLU A 41 -13.81 -17.17 19.31
N GLU A 42 -14.39 -18.38 19.27
CA GLU A 42 -15.42 -18.68 18.28
C GLU A 42 -16.63 -17.75 18.43
N ASN A 43 -16.84 -17.20 19.62
CA ASN A 43 -17.94 -16.26 19.81
C ASN A 43 -17.68 -14.92 19.14
N LYS A 44 -16.42 -14.61 18.82
CA LYS A 44 -16.13 -13.38 18.09
C LYS A 44 -16.79 -13.39 16.72
N ILE A 45 -16.71 -14.53 16.02
CA ILE A 45 -17.18 -14.64 14.65
C ILE A 45 -18.71 -14.64 14.61
N LEU A 46 -19.29 -13.48 14.29
CA LEU A 46 -20.75 -13.40 14.20
C LEU A 46 -21.25 -14.08 12.94
N PHE A 47 -20.54 -13.93 11.83
CA PHE A 47 -20.91 -14.57 10.58
C PHE A 47 -19.63 -14.90 9.82
N TYR A 48 -19.63 -16.04 9.14
CA TYR A 48 -18.47 -16.47 8.36
C TYR A 48 -18.94 -17.23 7.13
N HIS A 49 -18.44 -16.82 5.97
CA HIS A 49 -18.69 -17.50 4.71
C HIS A 49 -17.35 -17.70 4.03
N PRO A 50 -17.05 -18.90 3.51
CA PRO A 50 -17.90 -20.10 3.42
C PRO A 50 -18.12 -20.79 4.76
N ASN A 51 -19.28 -21.39 4.97
CA ASN A 51 -19.58 -22.00 6.26
C ASN A 51 -18.84 -23.34 6.46
N GLU A 52 -18.59 -24.07 5.38
CA GLU A 52 -17.96 -25.38 5.51
C GLU A 52 -16.48 -25.31 5.88
N VAL A 53 -15.90 -24.11 5.92
CA VAL A 53 -14.53 -23.96 6.37
C VAL A 53 -14.43 -24.43 7.83
N GLU A 54 -13.28 -25.00 8.18
CA GLU A 54 -13.08 -25.51 9.53
C GLU A 54 -13.11 -24.38 10.55
N LYS A 55 -13.53 -24.72 11.77
CA LYS A 55 -13.66 -23.72 12.83
C LYS A 55 -12.32 -23.08 13.16
N ASN A 56 -11.25 -23.88 13.24
CA ASN A 56 -9.94 -23.34 13.57
C ASN A 56 -9.47 -22.36 12.51
N GLU A 57 -9.74 -22.66 11.24
CA GLU A 57 -9.38 -21.73 10.17
C GLU A 57 -10.18 -20.44 10.29
N LYS A 58 -11.46 -20.53 10.64
CA LYS A 58 -12.27 -19.32 10.85
C LYS A 58 -11.66 -18.45 11.93
N ILE A 59 -11.33 -19.05 13.07
CA ILE A 59 -10.75 -18.27 14.17
C ILE A 59 -9.41 -17.69 13.75
N ARG A 60 -8.63 -18.43 12.97
CA ARG A 60 -7.33 -17.94 12.53
C ARG A 60 -7.47 -16.73 11.61
N ASN A 61 -8.42 -16.78 10.68
CA ASN A 61 -8.64 -15.64 9.78
C ASN A 61 -9.12 -14.41 10.56
N VAL A 62 -10.08 -14.61 11.46
CA VAL A 62 -10.58 -13.49 12.26
C VAL A 62 -9.45 -12.90 13.11
N GLY A 63 -8.61 -13.76 13.69
CA GLY A 63 -7.49 -13.28 14.48
C GLY A 63 -6.48 -12.52 13.64
N LEU A 64 -6.25 -12.97 12.41
CA LEU A 64 -5.36 -12.21 11.52
C LEU A 64 -5.88 -10.81 11.28
N CYS A 65 -7.18 -10.67 11.01
CA CYS A 65 -7.74 -9.35 10.77
C CYS A 65 -7.67 -8.47 12.03
N GLU A 66 -7.98 -9.06 13.19
CA GLU A 66 -7.86 -8.29 14.44
C GLU A 66 -6.43 -7.83 14.66
N ALA A 67 -5.46 -8.71 14.41
CA ALA A 67 -4.06 -8.35 14.58
C ALA A 67 -3.66 -7.23 13.64
N ILE A 68 -4.14 -7.28 12.39
CA ILE A 68 -3.80 -6.23 11.43
C ILE A 68 -4.32 -4.88 11.91
N VAL A 69 -5.57 -4.85 12.36
CA VAL A 69 -6.14 -3.57 12.82
C VAL A 69 -5.43 -3.07 14.07
N GLN A 70 -5.16 -3.97 15.03
CA GLN A 70 -4.50 -3.57 16.26
C GLN A 70 -3.06 -3.12 16.01
N PHE A 71 -2.41 -3.66 14.98
CA PHE A 71 -1.06 -3.22 14.64
C PHE A 71 -1.09 -1.85 13.97
N THR A 72 -2.02 -1.63 13.04
CA THR A 72 -2.11 -0.32 12.43
C THR A 72 -2.54 0.75 13.43
N ARG A 73 -3.18 0.37 14.52
CA ARG A 73 -3.54 1.33 15.54
C ARG A 73 -2.33 1.86 16.32
N THR A 74 -1.15 1.27 16.14
CA THR A 74 0.05 1.76 16.81
C THR A 74 0.71 2.90 16.07
N PHE A 75 0.31 3.19 14.83
CA PHE A 75 0.80 4.35 14.09
C PHE A 75 -0.26 5.42 13.91
N SER A 76 -1.54 5.07 13.95
CA SER A 76 -2.62 6.04 13.81
C SER A 76 -3.84 5.51 14.54
N PRO A 77 -3.96 5.77 15.84
CA PRO A 77 -5.10 5.23 16.59
C PRO A 77 -6.45 5.67 16.06
N SER A 78 -6.56 6.90 15.56
CA SER A 78 -7.85 7.37 15.06
C SER A 78 -8.20 6.74 13.71
N LYS A 79 -7.20 6.33 12.94
CA LYS A 79 -7.43 5.76 11.61
C LYS A 79 -6.89 4.34 11.57
N PRO A 80 -7.75 3.33 11.68
CA PRO A 80 -7.30 1.94 11.60
C PRO A 80 -7.14 1.52 10.13
N ALA A 81 -6.75 0.27 9.95
CA ALA A 81 -6.51 -0.26 8.61
C ALA A 81 -7.80 -0.34 7.81
N LYS A 82 -7.67 -0.10 6.50
CA LYS A 82 -8.77 -0.26 5.56
C LYS A 82 -8.55 -1.41 4.58
N SER A 83 -7.33 -1.92 4.48
CA SER A 83 -7.01 -2.92 3.46
C SER A 83 -5.75 -3.64 3.86
N LEU A 84 -5.63 -4.87 3.38
CA LEU A 84 -4.45 -5.70 3.55
C LEU A 84 -4.18 -6.40 2.23
N HIS A 85 -2.99 -6.18 1.68
CA HIS A 85 -2.63 -6.75 0.39
C HIS A 85 -1.68 -7.92 0.61
N THR A 86 -2.02 -9.06 0.03
CA THR A 86 -1.20 -10.26 0.11
C THR A 86 -0.87 -10.73 -1.30
N GLN A 87 -0.05 -11.77 -1.38
CA GLN A 87 0.30 -12.32 -2.68
C GLN A 87 -0.89 -12.94 -3.40
N LYS A 88 -1.77 -13.62 -2.67
CA LYS A 88 -2.86 -14.37 -3.27
C LYS A 88 -4.21 -13.69 -3.20
N ASN A 89 -4.42 -12.77 -2.26
CA ASN A 89 -5.72 -12.14 -2.10
C ASN A 89 -5.55 -10.76 -1.49
N ARG A 90 -6.63 -9.98 -1.55
CA ARG A 90 -6.72 -8.69 -0.89
C ARG A 90 -7.90 -8.72 0.07
N GLN A 91 -7.68 -8.28 1.31
CA GLN A 91 -8.72 -8.29 2.33
C GLN A 91 -9.07 -6.86 2.71
N PHE A 92 -10.36 -6.54 2.66
CA PHE A 92 -10.86 -5.20 2.91
C PHE A 92 -11.64 -5.18 4.21
N PHE A 93 -11.30 -4.22 5.07
CA PHE A 93 -11.89 -4.10 6.40
C PHE A 93 -12.86 -2.93 6.43
N ASN A 94 -13.87 -3.05 7.30
CA ASN A 94 -14.81 -1.98 7.54
C ASN A 94 -15.35 -2.12 8.95
N GLU A 95 -15.65 -0.99 9.58
CA GLU A 95 -16.23 -0.97 10.93
C GLU A 95 -17.50 -0.14 10.85
N PRO A 96 -18.59 -0.71 10.33
CA PRO A 96 -19.83 0.06 10.22
C PRO A 96 -20.36 0.56 11.56
N GLU A 97 -20.20 -0.25 12.61
CA GLU A 97 -20.56 0.13 13.95
C GLU A 97 -19.40 -0.20 14.88
N GLU A 98 -19.35 0.48 16.01
CA GLU A 98 -18.23 0.31 16.93
C GLU A 98 -18.09 -1.15 17.34
N ASN A 99 -16.86 -1.66 17.21
CA ASN A 99 -16.43 -3.02 17.52
C ASN A 99 -16.96 -4.06 16.54
N PHE A 100 -17.80 -3.69 15.58
CA PHE A 100 -18.33 -4.63 14.59
C PHE A 100 -17.54 -4.48 13.30
N TRP A 101 -16.76 -5.51 12.95
CA TRP A 101 -15.86 -5.45 11.80
C TRP A 101 -16.33 -6.43 10.73
N MET A 102 -16.50 -5.93 9.51
CA MET A 102 -16.68 -6.77 8.34
C MET A 102 -15.38 -6.85 7.57
N VAL A 103 -15.09 -8.04 7.05
CA VAL A 103 -13.88 -8.29 6.27
C VAL A 103 -14.27 -9.07 5.03
N MET A 104 -13.77 -8.62 3.88
CA MET A 104 -14.00 -9.25 2.58
C MET A 104 -12.66 -9.64 1.96
N VAL A 105 -12.45 -10.93 1.74
CA VAL A 105 -11.23 -11.44 1.14
C VAL A 105 -11.53 -11.82 -0.30
N VAL A 106 -10.81 -11.19 -1.23
CA VAL A 106 -11.02 -11.28 -2.67
C VAL A 106 -9.77 -11.87 -3.31
N ARG A 107 -9.95 -12.91 -4.11
CA ARG A 107 -8.82 -13.57 -4.76
C ARG A 107 -8.18 -12.67 -5.82
N ASN A 108 -6.86 -12.67 -5.85
CA ASN A 108 -6.14 -11.91 -6.87
C ASN A 108 -6.34 -12.54 -8.24
N PRO A 109 -6.34 -11.74 -9.31
CA PRO A 109 -6.40 -12.31 -10.66
C PRO A 109 -5.21 -13.21 -10.92
N ILE A 110 -5.45 -14.26 -11.71
CA ILE A 110 -4.48 -15.33 -11.92
C ILE A 110 -4.20 -15.46 -13.41
N ILE A 111 -2.92 -15.58 -13.76
CA ILE A 111 -2.50 -15.96 -15.10
C ILE A 111 -1.91 -17.36 -15.00
N GLU A 112 -2.45 -18.29 -15.79
CA GLU A 112 -2.00 -19.68 -15.82
C GLU A 112 -1.07 -19.85 -17.02
N LYS A 113 0.21 -19.56 -16.80
CA LYS A 113 1.20 -19.62 -17.86
C LYS A 113 1.59 -21.07 -18.15
N GLN A 114 1.79 -21.38 -19.42
CA GLN A 114 2.29 -22.68 -19.85
C GLN A 114 3.81 -22.59 -19.94
N SER A 115 4.51 -23.35 -19.10
CA SER A 115 5.96 -23.28 -19.02
C SER A 115 6.58 -24.13 -20.13
N LYS A 116 7.88 -24.40 -20.00
CA LYS A 116 8.62 -25.11 -21.04
C LYS A 116 8.05 -26.51 -21.26
N ASP A 117 7.71 -27.21 -20.19
CA ASP A 117 7.11 -28.53 -20.31
C ASP A 117 5.69 -28.51 -19.73
N GLY A 118 4.93 -27.48 -20.07
CA GLY A 118 3.62 -27.25 -19.52
C GLY A 118 3.70 -26.55 -18.18
N LYS A 119 4.01 -27.31 -17.12
CA LYS A 119 4.33 -26.83 -15.77
C LYS A 119 3.50 -25.61 -15.39
N PRO A 120 2.18 -25.78 -15.14
CA PRO A 120 1.31 -24.62 -14.93
C PRO A 120 1.85 -23.62 -13.92
N VAL A 121 2.19 -22.43 -14.38
CA VAL A 121 2.71 -21.36 -13.53
C VAL A 121 1.56 -20.46 -13.15
N ILE A 122 1.28 -20.35 -11.85
CA ILE A 122 0.15 -19.56 -11.36
C ILE A 122 0.70 -18.21 -10.93
N GLU A 123 0.69 -17.25 -11.84
CA GLU A 123 1.11 -15.90 -11.48
C GLU A 123 -0.07 -15.13 -10.92
N TYR A 124 0.14 -14.50 -9.77
CA TYR A 124 -0.88 -13.70 -9.12
C TYR A 124 -0.64 -12.24 -9.48
N GLN A 125 -1.55 -11.68 -10.27
CA GLN A 125 -1.44 -10.28 -10.72
C GLN A 125 -1.91 -9.39 -9.57
N GLU A 126 -0.96 -8.96 -8.75
CA GLU A 126 -1.27 -8.29 -7.49
C GLU A 126 -1.67 -6.83 -7.65
N GLU A 127 -1.48 -6.25 -8.84
CA GLU A 127 -1.76 -4.83 -9.05
C GLU A 127 -3.01 -4.56 -9.85
N GLU A 128 -3.77 -5.59 -10.25
CA GLU A 128 -4.96 -5.35 -11.06
C GLU A 128 -6.11 -4.79 -10.24
N LEU A 129 -6.31 -5.30 -9.03
CA LEU A 129 -7.48 -4.90 -8.24
C LEU A 129 -7.39 -3.44 -7.83
N LEU A 130 -8.53 -2.76 -7.87
CA LEU A 130 -8.65 -1.40 -7.39
C LEU A 130 -9.25 -1.44 -5.99
N ASP A 131 -8.54 -0.87 -5.02
CA ASP A 131 -8.97 -0.95 -3.62
C ASP A 131 -10.30 -0.24 -3.41
N LYS A 132 -10.50 0.91 -4.06
CA LYS A 132 -11.71 1.68 -3.84
C LYS A 132 -12.94 0.90 -4.25
N VAL A 133 -12.85 0.11 -5.32
CA VAL A 133 -14.02 -0.64 -5.79
C VAL A 133 -14.53 -1.56 -4.70
N TYR A 134 -13.65 -2.37 -4.13
CA TYR A 134 -14.08 -3.37 -3.17
C TYR A 134 -14.34 -2.75 -1.79
N SER A 135 -13.67 -1.66 -1.44
CA SER A 135 -14.04 -0.94 -0.23
C SER A 135 -15.46 -0.40 -0.33
N SER A 136 -15.80 0.20 -1.48
CA SER A 136 -17.17 0.66 -1.69
C SER A 136 -18.14 -0.51 -1.70
N VAL A 137 -17.74 -1.64 -2.26
CA VAL A 137 -18.61 -2.82 -2.28
C VAL A 137 -18.88 -3.31 -0.86
N LEU A 138 -17.86 -3.30 0.00
CA LEU A 138 -18.05 -3.71 1.39
C LEU A 138 -18.97 -2.74 2.14
N ARG A 139 -18.77 -1.44 1.95
CA ARG A 139 -19.67 -0.47 2.56
C ARG A 139 -21.10 -0.66 2.06
N GLN A 140 -21.24 -0.97 0.77
CA GLN A 140 -22.56 -1.23 0.21
C GLN A 140 -23.17 -2.50 0.77
N CYS A 141 -22.36 -3.51 1.06
CA CYS A 141 -22.86 -4.70 1.73
C CYS A 141 -23.45 -4.35 3.08
N TYR A 142 -22.73 -3.55 3.86
CA TYR A 142 -23.25 -3.15 5.16
C TYR A 142 -24.55 -2.37 5.03
N SER A 143 -24.56 -1.37 4.14
CA SER A 143 -25.76 -0.56 4.01
C SER A 143 -26.93 -1.37 3.47
N MET A 144 -26.64 -2.38 2.63
CA MET A 144 -27.68 -3.27 2.14
C MET A 144 -28.28 -4.08 3.27
N TYR A 145 -27.44 -4.58 4.18
CA TYR A 145 -27.96 -5.24 5.36
C TYR A 145 -28.80 -4.28 6.21
N LYS A 146 -28.28 -3.08 6.44
CA LYS A 146 -28.90 -2.16 7.37
C LYS A 146 -30.21 -1.61 6.83
N LEU A 147 -30.39 -1.59 5.52
CA LEU A 147 -31.65 -1.13 4.96
C LEU A 147 -32.81 -2.04 5.35
N PHE A 148 -32.58 -3.35 5.38
CA PHE A 148 -33.63 -4.32 5.63
C PHE A 148 -33.68 -4.82 7.07
N ASN A 149 -32.56 -4.82 7.77
CA ASN A 149 -32.51 -5.40 9.11
C ASN A 149 -32.05 -4.42 10.18
N GLY A 150 -31.76 -3.17 9.83
CA GLY A 150 -31.31 -2.21 10.80
C GLY A 150 -29.87 -2.43 11.22
N THR A 151 -29.47 -1.67 12.23
CA THR A 151 -28.10 -1.70 12.71
C THR A 151 -27.86 -2.96 13.55
N PHE A 152 -26.58 -3.27 13.76
CA PHE A 152 -26.22 -4.42 14.59
C PHE A 152 -26.66 -4.20 16.04
N LEU A 153 -26.45 -2.99 16.56
CA LEU A 153 -26.72 -2.74 17.97
C LEU A 153 -28.20 -2.89 18.30
N LYS A 154 -29.07 -2.44 17.39
CA LYS A 154 -30.50 -2.56 17.64
C LYS A 154 -30.93 -4.03 17.75
N ALA A 155 -30.44 -4.86 16.82
CA ALA A 155 -30.73 -6.29 16.90
C ALA A 155 -30.14 -6.90 18.16
N MET A 156 -28.98 -6.39 18.60
CA MET A 156 -28.40 -6.88 19.84
C MET A 156 -29.31 -6.57 21.03
N GLU A 157 -29.67 -5.30 21.22
CA GLU A 157 -30.56 -4.94 22.33
C GLU A 157 -31.93 -5.59 22.20
N ASP A 158 -32.31 -6.01 21.00
CA ASP A 158 -33.57 -6.73 20.86
C ASP A 158 -33.44 -8.17 21.36
N GLY A 159 -32.46 -8.92 20.87
CA GLY A 159 -32.44 -10.34 21.16
C GLY A 159 -31.11 -11.04 21.36
N GLY A 160 -30.04 -10.30 21.64
CA GLY A 160 -28.76 -10.91 21.93
C GLY A 160 -27.96 -11.29 20.70
N VAL A 161 -26.78 -11.85 20.98
CA VAL A 161 -25.87 -12.32 19.95
C VAL A 161 -26.55 -13.40 19.10
N LYS A 162 -27.41 -14.21 19.71
CA LYS A 162 -28.12 -15.24 18.97
C LYS A 162 -28.97 -14.61 17.86
N LEU A 163 -29.81 -13.64 18.22
CA LEU A 163 -30.65 -12.98 17.22
C LEU A 163 -29.81 -12.26 16.18
N LEU A 164 -28.73 -11.62 16.61
CA LEU A 164 -27.85 -10.95 15.67
C LEU A 164 -27.30 -11.94 14.64
N LYS A 165 -26.88 -13.12 15.10
CA LYS A 165 -26.33 -14.13 14.20
C LYS A 165 -27.39 -14.66 13.24
N GLU A 166 -28.61 -14.89 13.73
CA GLU A 166 -29.66 -15.35 12.83
C GLU A 166 -29.94 -14.32 11.75
N ARG A 167 -30.03 -13.04 12.12
CA ARG A 167 -30.26 -12.01 11.11
C ARG A 167 -29.10 -11.93 10.12
N LEU A 168 -27.87 -11.99 10.62
CA LEU A 168 -26.71 -11.91 9.74
C LEU A 168 -26.70 -13.05 8.74
N GLU A 169 -26.93 -14.28 9.22
CA GLU A 169 -26.95 -15.42 8.31
C GLU A 169 -28.07 -15.28 7.30
N LYS A 170 -29.30 -15.02 7.78
CA LYS A 170 -30.46 -14.97 6.89
C LYS A 170 -30.29 -13.91 5.80
N PHE A 171 -29.59 -12.81 6.09
CA PHE A 171 -29.38 -11.83 5.03
C PHE A 171 -28.21 -12.22 4.14
N PHE A 172 -27.05 -12.49 4.73
CA PHE A 172 -25.83 -12.55 3.93
C PHE A 172 -25.68 -13.85 3.17
N HIS A 173 -26.30 -14.95 3.63
CA HIS A 173 -26.26 -16.18 2.85
C HIS A 173 -26.84 -15.97 1.46
N ARG A 174 -27.97 -15.27 1.37
CA ARG A 174 -28.57 -14.99 0.08
C ARG A 174 -27.98 -13.76 -0.60
N TYR A 175 -27.41 -12.83 0.16
CA TYR A 175 -26.83 -11.65 -0.47
C TYR A 175 -25.52 -11.98 -1.19
N LEU A 176 -24.67 -12.80 -0.57
CA LEU A 176 -23.36 -13.08 -1.17
C LEU A 176 -23.47 -13.91 -2.44
N GLN A 177 -24.59 -14.60 -2.65
CA GLN A 177 -24.79 -15.34 -3.89
C GLN A 177 -24.91 -14.40 -5.08
N THR A 178 -25.46 -13.20 -4.87
CA THR A 178 -25.68 -12.24 -5.94
C THR A 178 -24.50 -11.30 -6.14
N LEU A 179 -23.42 -11.47 -5.38
CA LEU A 179 -22.24 -10.63 -5.53
C LEU A 179 -21.35 -11.20 -6.62
N HIS A 180 -21.01 -10.37 -7.60
CA HIS A 180 -20.10 -10.73 -8.68
C HIS A 180 -18.96 -9.73 -8.68
N LEU A 181 -17.78 -10.17 -8.26
CA LEU A 181 -16.63 -9.29 -8.14
C LEU A 181 -15.82 -9.17 -9.42
N GLN A 182 -16.16 -9.93 -10.46
CA GLN A 182 -15.49 -9.78 -11.74
C GLN A 182 -16.00 -8.55 -12.50
N SER A 183 -17.25 -8.16 -12.27
CA SER A 183 -17.87 -7.06 -12.99
C SER A 183 -17.79 -5.73 -12.24
N CYS A 184 -17.11 -5.70 -11.09
CA CYS A 184 -17.03 -4.49 -10.30
C CYS A 184 -16.01 -3.52 -10.90
N ASP A 185 -16.39 -2.25 -10.98
CA ASP A 185 -15.61 -1.25 -11.70
C ASP A 185 -15.81 0.11 -11.06
N LEU A 186 -15.45 1.17 -11.79
CA LEU A 186 -15.47 2.53 -11.24
C LEU A 186 -16.87 2.95 -10.79
N LEU A 187 -17.90 2.51 -11.51
CA LEU A 187 -19.27 2.82 -11.13
C LEU A 187 -19.58 2.30 -9.74
N ASP A 188 -18.91 1.23 -9.31
CA ASP A 188 -19.10 0.73 -7.95
C ASP A 188 -18.42 1.63 -6.92
N ILE A 189 -17.29 2.25 -7.28
CA ILE A 189 -16.72 3.27 -6.41
C ILE A 189 -17.68 4.43 -6.26
N PHE A 190 -18.29 4.86 -7.37
CA PHE A 190 -19.11 6.05 -7.35
C PHE A 190 -20.30 5.90 -6.41
N GLY A 191 -21.07 4.81 -6.58
CA GLY A 191 -22.24 4.62 -5.75
C GLY A 191 -23.27 5.72 -5.89
N GLY A 192 -23.37 6.31 -7.07
CA GLY A 192 -24.33 7.38 -7.30
C GLY A 192 -25.66 6.85 -7.78
N ILE A 193 -26.52 7.77 -8.20
CA ILE A 193 -27.83 7.46 -8.72
C ILE A 193 -27.89 7.91 -10.17
N SER A 194 -28.27 7.01 -11.06
CA SER A 194 -28.46 7.35 -12.47
C SER A 194 -29.80 8.04 -12.60
N PHE A 195 -29.78 9.37 -12.74
CA PHE A 195 -31.00 10.15 -12.78
C PHE A 195 -31.59 10.14 -14.18
N PHE A 196 -32.87 10.52 -14.26
CA PHE A 196 -33.59 10.61 -15.52
C PHE A 196 -33.80 12.07 -15.87
N PRO A 197 -33.09 12.61 -16.86
CA PRO A 197 -33.27 14.03 -17.19
C PRO A 197 -34.68 14.33 -17.66
N LEU A 198 -35.17 15.51 -17.28
CA LEU A 198 -36.54 15.91 -17.60
C LEU A 198 -36.62 17.43 -17.62
N ASP A 199 -37.72 17.92 -18.17
CA ASP A 199 -38.02 19.34 -18.16
C ASP A 199 -38.75 19.72 -16.88
N LYS A 200 -39.08 21.02 -16.74
CA LYS A 200 -39.70 21.49 -15.52
C LYS A 200 -41.17 21.15 -15.43
N MET A 201 -41.90 21.17 -16.57
CA MET A 201 -43.32 20.90 -16.53
C MET A 201 -43.60 19.47 -16.08
N THR A 202 -42.86 18.50 -16.61
CA THR A 202 -43.09 17.12 -16.23
C THR A 202 -42.62 16.86 -14.80
N TYR A 203 -41.58 17.57 -14.35
CA TYR A 203 -41.18 17.49 -12.95
C TYR A 203 -42.30 17.97 -12.03
N LEU A 204 -42.93 19.09 -12.38
CA LEU A 204 -44.06 19.60 -11.61
C LEU A 204 -45.23 18.63 -11.64
N LYS A 205 -45.49 18.01 -12.79
CA LYS A 205 -46.53 17.00 -12.87
C LYS A 205 -46.22 15.82 -11.94
N ILE A 206 -44.96 15.38 -11.91
CA ILE A 206 -44.56 14.30 -11.03
C ILE A 206 -44.79 14.67 -9.58
N GLN A 207 -44.39 15.89 -9.20
CA GLN A 207 -44.57 16.32 -7.82
C GLN A 207 -46.05 16.39 -7.45
N SER A 208 -46.87 16.93 -8.35
CA SER A 208 -48.30 17.03 -8.08
C SER A 208 -48.92 15.65 -7.93
N PHE A 209 -48.55 14.71 -8.80
CA PHE A 209 -49.07 13.35 -8.71
C PHE A 209 -48.67 12.70 -7.40
N ILE A 210 -47.39 12.84 -7.02
CA ILE A 210 -46.90 12.19 -5.80
C ILE A 210 -47.61 12.77 -4.59
N ASN A 211 -47.77 14.09 -4.54
CA ASN A 211 -48.53 14.70 -3.45
C ASN A 211 -49.97 14.20 -3.41
N ARG A 212 -50.61 14.10 -4.58
CA ARG A 212 -52.01 13.66 -4.62
C ARG A 212 -52.17 12.26 -4.06
N MET A 213 -51.32 11.33 -4.49
CA MET A 213 -51.48 9.95 -4.01
C MET A 213 -51.04 9.79 -2.56
N GLU A 214 -49.99 10.50 -2.13
CA GLU A 214 -49.54 10.32 -0.75
C GLU A 214 -50.43 11.08 0.23
N GLU A 215 -51.24 12.01 -0.25
CA GLU A 215 -52.22 12.66 0.61
C GLU A 215 -53.56 11.93 0.61
N SER A 216 -53.98 11.40 -0.54
CA SER A 216 -55.25 10.67 -0.58
C SER A 216 -55.17 9.35 0.16
N LEU A 217 -53.99 8.71 0.17
CA LEU A 217 -53.83 7.42 0.82
C LEU A 217 -53.48 7.55 2.30
N ASN A 218 -53.23 8.76 2.79
CA ASN A 218 -53.07 9.06 4.21
C ASN A 218 -51.84 8.38 4.81
N ILE A 219 -51.91 7.05 5.01
CA ILE A 219 -50.86 6.36 5.74
C ILE A 219 -49.56 6.30 4.96
N VAL A 220 -49.60 6.50 3.64
CA VAL A 220 -48.37 6.51 2.85
C VAL A 220 -47.53 7.69 3.30
N LYS A 221 -46.39 7.40 3.93
CA LYS A 221 -45.58 8.46 4.53
C LYS A 221 -44.34 8.82 3.73
N TYR A 222 -43.83 7.92 2.89
CA TYR A 222 -42.73 8.27 2.00
C TYR A 222 -43.02 7.81 0.58
N THR A 223 -42.38 8.48 -0.39
CA THR A 223 -42.63 8.21 -1.79
C THR A 223 -41.33 8.31 -2.58
N ALA A 224 -41.33 7.68 -3.75
CA ALA A 224 -40.22 7.79 -4.70
C ALA A 224 -40.76 7.45 -6.09
N PHE A 225 -40.25 8.15 -7.11
CA PHE A 225 -40.67 7.94 -8.48
C PHE A 225 -39.45 7.74 -9.36
N LEU A 226 -39.42 6.64 -10.12
CA LEU A 226 -38.36 6.34 -11.07
C LEU A 226 -38.99 6.04 -12.42
N TYR A 227 -38.24 6.32 -13.48
CA TYR A 227 -38.63 5.91 -14.82
C TYR A 227 -37.44 5.32 -15.55
N ASN A 228 -37.69 4.26 -16.31
CA ASN A 228 -36.65 3.61 -17.12
C ASN A 228 -35.46 3.20 -16.26
N ASP A 229 -35.75 2.67 -15.07
CA ASP A 229 -34.74 2.20 -14.11
C ASP A 229 -33.94 3.38 -13.56
N GLN A 230 -34.25 4.58 -14.01
CA GLN A 230 -33.57 5.79 -13.57
C GLN A 230 -34.46 6.56 -12.59
N LEU A 231 -33.86 7.01 -11.49
CA LEU A 231 -34.60 7.79 -10.49
C LEU A 231 -34.99 9.15 -11.06
N ILE A 232 -36.20 9.58 -10.75
CA ILE A 232 -36.69 10.91 -11.11
C ILE A 232 -36.82 11.79 -9.87
N TRP A 233 -37.65 11.39 -8.92
CA TRP A 233 -37.87 12.20 -7.72
C TRP A 233 -37.80 11.31 -6.49
N SER A 234 -37.18 11.83 -5.43
CA SER A 234 -36.92 11.06 -4.22
C SER A 234 -37.35 11.86 -3.00
N GLY A 235 -38.35 11.36 -2.29
CA GLY A 235 -38.79 11.96 -1.05
C GLY A 235 -38.02 11.53 0.17
N LEU A 236 -37.11 10.58 0.03
CA LEU A 236 -36.35 10.06 1.16
C LEU A 236 -35.07 10.88 1.34
N GLU A 237 -34.20 10.40 2.23
CA GLU A 237 -32.90 11.02 2.46
C GLU A 237 -31.90 10.46 1.47
N GLN A 238 -30.88 11.27 1.16
CA GLN A 238 -29.93 10.93 0.09
C GLN A 238 -29.24 9.60 0.36
N ASP A 239 -28.68 9.43 1.55
CA ASP A 239 -27.90 8.24 1.84
C ASP A 239 -28.76 7.00 2.08
N ASP A 240 -30.08 7.17 2.24
CA ASP A 240 -30.99 6.03 2.27
C ASP A 240 -31.60 5.75 0.91
N MET A 241 -31.94 6.81 0.18
CA MET A 241 -32.44 6.64 -1.18
C MET A 241 -31.39 6.02 -2.09
N ARG A 242 -30.11 6.25 -1.79
CA ARG A 242 -29.05 5.61 -2.57
C ARG A 242 -29.18 4.09 -2.52
N ILE A 243 -29.22 3.53 -1.31
CA ILE A 243 -29.29 2.08 -1.17
C ILE A 243 -30.64 1.55 -1.62
N LEU A 244 -31.71 2.29 -1.37
CA LEU A 244 -33.01 1.87 -1.88
C LEU A 244 -33.02 1.79 -3.40
N TYR A 245 -32.37 2.75 -4.07
CA TYR A 245 -32.32 2.74 -5.52
C TYR A 245 -31.45 1.58 -6.03
N LYS A 246 -30.34 1.30 -5.35
CA LYS A 246 -29.57 0.10 -5.71
C LYS A 246 -30.41 -1.17 -5.58
N TYR A 247 -31.18 -1.28 -4.49
CA TYR A 247 -32.04 -2.45 -4.34
C TYR A 247 -33.07 -2.52 -5.45
N LEU A 248 -33.69 -1.39 -5.78
CA LEU A 248 -34.71 -1.37 -6.82
C LEU A 248 -34.14 -1.76 -8.17
N THR A 249 -32.96 -1.25 -8.51
CA THR A 249 -32.45 -1.43 -9.87
C THR A 249 -31.74 -2.77 -10.03
N THR A 250 -30.82 -3.11 -9.14
CA THR A 250 -29.98 -4.28 -9.35
C THR A 250 -30.56 -5.56 -8.76
N SER A 251 -31.55 -5.48 -7.88
CA SER A 251 -32.11 -6.67 -7.23
C SER A 251 -33.59 -6.86 -7.51
N LEU A 252 -34.40 -5.82 -7.34
CA LEU A 252 -35.85 -6.02 -7.43
C LEU A 252 -36.33 -6.11 -8.87
N PHE A 253 -35.97 -5.14 -9.71
CA PHE A 253 -36.44 -5.14 -11.10
C PHE A 253 -35.95 -6.35 -11.89
N PRO A 254 -34.67 -6.75 -11.86
CA PRO A 254 -34.24 -7.87 -12.72
C PRO A 254 -34.98 -9.16 -12.47
N ARG A 255 -35.42 -9.43 -11.24
CA ARG A 255 -36.13 -10.66 -10.96
C ARG A 255 -37.48 -10.73 -11.67
N HIS A 256 -38.01 -9.58 -12.11
CA HIS A 256 -39.25 -9.53 -12.86
C HIS A 256 -39.07 -9.13 -14.32
N ILE A 257 -37.84 -8.86 -14.76
CA ILE A 257 -37.58 -8.50 -16.14
C ILE A 257 -37.25 -9.75 -16.95
N HIS A 278 -56.19 -1.06 -17.20
CA HIS A 278 -54.89 -0.40 -17.19
C HIS A 278 -53.77 -1.41 -17.01
N TYR A 279 -52.56 -1.03 -17.43
CA TYR A 279 -51.38 -1.88 -17.30
C TYR A 279 -50.73 -1.79 -15.94
N GLY A 280 -51.26 -0.98 -15.03
CA GLY A 280 -50.71 -0.87 -13.70
C GLY A 280 -50.71 -2.20 -12.97
N ARG A 281 -49.56 -2.55 -12.39
CA ARG A 281 -49.39 -3.87 -11.81
C ARG A 281 -48.59 -3.77 -10.51
N PHE A 282 -49.01 -4.54 -9.51
CA PHE A 282 -48.25 -4.68 -8.28
C PHE A 282 -46.96 -5.45 -8.56
N LEU A 283 -45.83 -4.87 -8.17
CA LEU A 283 -44.55 -5.52 -8.37
C LEU A 283 -43.99 -6.13 -7.10
N THR A 284 -44.26 -5.53 -5.94
CA THR A 284 -43.81 -6.09 -4.67
C THR A 284 -45.00 -6.13 -3.72
N GLY A 285 -45.27 -7.30 -3.16
CA GLY A 285 -46.41 -7.51 -2.31
C GLY A 285 -47.23 -8.71 -2.74
N PRO A 286 -48.56 -8.61 -2.63
CA PRO A 286 -49.46 -9.70 -3.03
C PRO A 286 -49.48 -9.95 -4.54
N CYS A 296 -50.87 -10.62 2.42
CA CYS A 296 -50.24 -9.37 1.99
C CYS A 296 -48.96 -9.11 2.77
N ARG A 297 -47.82 -9.49 2.18
CA ARG A 297 -46.52 -9.29 2.78
C ARG A 297 -45.78 -8.17 2.05
N PHE A 298 -45.26 -7.22 2.81
CA PHE A 298 -44.46 -6.13 2.28
C PHE A 298 -43.11 -6.14 2.99
N PRO A 299 -42.00 -6.07 2.27
CA PRO A 299 -40.69 -6.04 2.93
C PRO A 299 -40.59 -4.85 3.86
N LYS A 300 -39.95 -5.07 5.01
CA LYS A 300 -39.76 -4.04 6.01
C LYS A 300 -38.36 -3.46 5.87
N ILE A 301 -38.28 -2.17 5.61
CA ILE A 301 -37.02 -1.47 5.44
C ILE A 301 -36.85 -0.49 6.59
N PHE A 302 -35.61 -0.09 6.83
CA PHE A 302 -35.29 0.85 7.90
C PHE A 302 -34.54 2.04 7.31
N VAL A 303 -35.17 3.22 7.39
CA VAL A 303 -34.60 4.43 6.82
C VAL A 303 -34.42 5.46 7.93
N ASN A 304 -33.62 6.49 7.62
CA ASN A 304 -33.27 7.53 8.59
C ASN A 304 -32.73 6.90 9.87
N THR A 305 -31.85 5.91 9.71
CA THR A 305 -31.39 5.10 10.84
C THR A 305 -30.61 5.93 11.85
N ASP A 306 -29.85 6.92 11.38
CA ASP A 306 -29.01 7.71 12.28
C ASP A 306 -29.82 8.72 13.10
N ASP A 307 -31.02 9.08 12.65
CA ASP A 307 -31.79 10.13 13.30
C ASP A 307 -33.07 9.61 13.95
N THR A 308 -33.95 8.97 13.19
CA THR A 308 -35.23 8.52 13.71
C THR A 308 -35.42 7.01 13.71
N TYR A 309 -34.70 6.26 12.87
CA TYR A 309 -34.78 4.80 12.82
C TYR A 309 -36.21 4.35 12.51
N GLU A 310 -36.67 4.71 11.32
CA GLU A 310 -38.05 4.44 10.92
C GLU A 310 -38.14 3.12 10.16
N GLU A 311 -39.06 2.26 10.59
CA GLU A 311 -39.34 1.00 9.90
C GLU A 311 -40.61 1.15 9.06
N LEU A 312 -40.49 0.84 7.77
CA LEU A 312 -41.57 1.05 6.82
C LEU A 312 -41.79 -0.19 5.97
N HIS A 313 -43.06 -0.49 5.70
CA HIS A 313 -43.39 -1.43 4.64
C HIS A 313 -43.15 -0.77 3.28
N LEU A 314 -42.56 -1.53 2.37
CA LEU A 314 -42.17 -1.06 1.05
C LEU A 314 -43.14 -1.59 0.00
N ILE A 315 -43.69 -0.69 -0.81
CA ILE A 315 -44.66 -1.05 -1.85
C ILE A 315 -44.18 -0.48 -3.17
N VAL A 316 -44.18 -1.30 -4.22
CA VAL A 316 -43.72 -0.88 -5.53
C VAL A 316 -44.83 -1.16 -6.55
N TYR A 317 -45.10 -0.19 -7.41
CA TYR A 317 -46.17 -0.28 -8.39
C TYR A 317 -45.64 0.16 -9.76
N LYS A 318 -45.99 -0.57 -10.81
CA LYS A 318 -45.43 -0.35 -12.14
C LYS A 318 -46.52 -0.03 -13.16
N ALA A 319 -46.29 1.03 -13.93
CA ALA A 319 -47.00 1.29 -15.18
C ALA A 319 -45.93 1.54 -16.25
N MET A 320 -45.87 0.67 -17.26
CA MET A 320 -44.71 0.59 -18.14
C MET A 320 -43.45 0.41 -17.30
N SER A 321 -42.54 1.38 -17.34
CA SER A 321 -41.36 1.37 -16.49
C SER A 321 -41.40 2.47 -15.44
N ALA A 322 -42.54 3.13 -15.27
CA ALA A 322 -42.71 4.20 -14.30
C ALA A 322 -42.95 3.57 -12.93
N ALA A 323 -41.86 3.29 -12.23
CA ALA A 323 -41.94 2.66 -10.92
C ALA A 323 -42.27 3.70 -9.86
N VAL A 324 -43.23 3.40 -9.00
CA VAL A 324 -43.60 4.25 -7.89
C VAL A 324 -43.45 3.44 -6.61
N CYS A 325 -42.65 3.95 -5.67
CA CYS A 325 -42.43 3.29 -4.39
C CYS A 325 -43.12 4.10 -3.30
N PHE A 326 -44.05 3.45 -2.60
CA PHE A 326 -44.65 3.98 -1.39
C PHE A 326 -44.02 3.32 -0.18
N MET A 327 -43.93 4.08 0.91
CA MET A 327 -43.36 3.59 2.16
C MET A 327 -44.33 3.93 3.27
N ILE A 328 -44.82 2.90 3.96
CA ILE A 328 -45.92 3.01 4.92
C ILE A 328 -45.38 2.69 6.31
N ASP A 329 -45.92 3.36 7.32
CA ASP A 329 -45.49 3.13 8.70
C ASP A 329 -45.71 1.68 9.09
N ALA A 330 -44.77 1.15 9.89
CA ALA A 330 -44.80 -0.26 10.25
C ALA A 330 -45.99 -0.61 11.13
N SER A 331 -46.52 0.37 11.89
CA SER A 331 -47.66 0.09 12.75
C SER A 331 -48.87 -0.35 11.93
N VAL A 332 -49.10 0.28 10.79
CA VAL A 332 -50.21 -0.08 9.92
C VAL A 332 -49.84 -1.32 9.12
N HIS A 333 -50.64 -2.38 9.23
CA HIS A 333 -50.43 -3.57 8.43
C HIS A 333 -51.41 -3.56 7.26
N PRO A 334 -50.94 -3.43 6.01
CA PRO A 334 -51.86 -3.41 4.88
C PRO A 334 -52.61 -4.73 4.74
N THR A 335 -53.87 -4.62 4.33
CA THR A 335 -54.72 -5.78 4.11
C THR A 335 -54.87 -6.04 2.61
N LEU A 336 -55.56 -7.15 2.30
CA LEU A 336 -55.83 -7.45 0.89
C LEU A 336 -56.74 -6.40 0.27
N ASP A 337 -57.70 -5.88 1.05
CA ASP A 337 -58.58 -4.83 0.58
C ASP A 337 -57.86 -3.49 0.44
N PHE A 338 -56.86 -3.22 1.27
CA PHE A 338 -56.13 -1.95 1.16
C PHE A 338 -55.38 -1.87 -0.16
N CYS A 339 -54.64 -2.92 -0.52
CA CYS A 339 -53.97 -2.95 -1.81
C CYS A 339 -54.98 -2.94 -2.95
N ARG A 340 -56.11 -3.62 -2.76
CA ARG A 340 -57.20 -3.52 -3.72
C ARG A 340 -57.72 -2.08 -3.81
N ARG A 341 -57.86 -1.44 -2.65
CA ARG A 341 -58.17 -0.01 -2.63
C ARG A 341 -57.03 0.81 -3.23
N LEU A 342 -55.79 0.45 -2.91
CA LEU A 342 -54.61 1.14 -3.42
C LEU A 342 -54.54 1.00 -4.94
N ASP A 343 -54.84 -0.18 -5.45
CA ASP A 343 -54.75 -0.44 -6.88
C ASP A 343 -55.69 0.47 -7.67
N SER A 344 -56.91 0.63 -7.17
CA SER A 344 -57.90 1.47 -7.84
C SER A 344 -57.47 2.92 -7.86
N ILE A 345 -56.96 3.42 -6.73
CA ILE A 345 -56.64 4.84 -6.63
C ILE A 345 -55.47 5.21 -7.53
N VAL A 346 -54.39 4.43 -7.49
CA VAL A 346 -53.22 4.72 -8.31
C VAL A 346 -53.54 4.38 -9.75
N GLY A 347 -53.74 3.08 -10.02
CA GLY A 347 -54.34 2.58 -11.24
C GLY A 347 -54.00 3.33 -12.52
N PRO A 348 -55.05 3.79 -13.21
CA PRO A 348 -54.85 4.50 -14.48
C PRO A 348 -54.07 5.79 -14.36
N GLN A 349 -54.10 6.42 -13.18
CA GLN A 349 -53.43 7.70 -13.01
C GLN A 349 -51.94 7.57 -13.26
N LEU A 350 -51.31 6.54 -12.72
CA LEU A 350 -49.92 6.24 -13.06
C LEU A 350 -49.80 5.82 -14.52
N THR A 351 -50.76 5.02 -15.00
CA THR A 351 -50.78 4.60 -16.40
C THR A 351 -50.92 5.80 -17.33
N VAL A 352 -51.78 6.75 -16.96
CA VAL A 352 -51.90 7.98 -17.74
C VAL A 352 -50.59 8.74 -17.74
N LEU A 353 -49.96 8.85 -16.57
CA LEU A 353 -48.67 9.53 -16.46
C LEU A 353 -47.59 8.78 -17.24
N ALA A 354 -47.61 7.45 -17.16
CA ALA A 354 -46.60 6.64 -17.82
C ALA A 354 -46.63 6.83 -19.33
N SER A 355 -47.82 6.88 -19.91
CA SER A 355 -47.97 7.06 -21.35
C SER A 355 -47.58 8.47 -21.78
N ASP A 356 -47.42 9.38 -20.81
CA ASP A 356 -47.02 10.75 -21.08
C ASP A 356 -45.51 10.92 -21.15
N ILE A 357 -44.76 10.22 -20.30
CA ILE A 357 -43.30 10.31 -20.33
C ILE A 357 -42.74 9.70 -21.60
N CYS A 358 -43.28 8.56 -22.04
CA CYS A 358 -42.72 7.86 -23.20
C CYS A 358 -42.80 8.72 -24.45
N GLU A 359 -43.91 9.43 -24.66
CA GLU A 359 -44.04 10.27 -25.84
C GLU A 359 -43.02 11.42 -25.82
N GLN A 360 -42.88 12.08 -24.67
CA GLN A 360 -41.94 13.19 -24.59
C GLN A 360 -40.49 12.70 -24.70
N PHE A 361 -40.18 11.56 -24.09
CA PHE A 361 -38.82 11.02 -24.17
C PHE A 361 -38.46 10.64 -25.61
N ASN A 362 -39.40 10.04 -26.33
CA ASN A 362 -39.14 9.68 -27.73
C ASN A 362 -38.95 10.92 -28.60
N ILE A 363 -39.73 11.97 -28.34
CA ILE A 363 -39.61 13.19 -29.13
C ILE A 363 -38.22 13.82 -28.94
N ASN A 364 -37.74 13.87 -27.69
CA ASN A 364 -36.45 14.47 -27.43
C ASN A 364 -35.32 13.67 -28.09
N LYS A 365 -35.47 12.34 -28.15
CA LYS A 365 -34.50 11.50 -28.83
C LYS A 365 -34.52 11.75 -30.33
N LYS A 372 -23.31 14.41 -34.45
CA LYS A 372 -23.67 13.05 -34.83
C LYS A 372 -23.30 12.09 -33.70
N GLU A 373 -22.47 11.10 -34.00
CA GLU A 373 -22.03 10.12 -33.01
C GLU A 373 -21.04 10.76 -32.05
N PRO A 374 -21.28 10.68 -30.74
CA PRO A 374 -20.35 11.28 -29.79
C PRO A 374 -19.09 10.44 -29.64
N GLN A 375 -17.97 10.97 -30.14
CA GLN A 375 -16.68 10.29 -29.99
C GLN A 375 -16.27 10.17 -28.54
N PHE A 376 -16.76 11.05 -27.67
CA PHE A 376 -16.45 11.02 -26.25
C PHE A 376 -17.22 9.87 -25.61
N LYS A 377 -16.60 9.16 -24.69
CA LYS A 377 -17.31 8.19 -23.85
C LYS A 377 -16.90 8.49 -22.41
N PHE A 378 -17.87 8.94 -21.61
CA PHE A 378 -17.55 9.52 -20.32
C PHE A 378 -18.31 8.87 -19.18
N ILE A 379 -17.77 9.06 -17.98
CA ILE A 379 -18.41 8.74 -16.72
C ILE A 379 -18.39 10.00 -15.87
N TYR A 380 -19.57 10.47 -15.46
CA TYR A 380 -19.72 11.72 -14.73
C TYR A 380 -20.39 11.45 -13.40
N PHE A 381 -19.84 12.02 -12.33
CA PHE A 381 -20.37 11.82 -10.99
C PHE A 381 -20.41 13.16 -10.26
N ASN A 382 -21.59 13.53 -9.77
CA ASN A 382 -21.80 14.76 -9.02
C ASN A 382 -22.11 14.40 -7.58
N HIS A 383 -21.34 14.98 -6.65
CA HIS A 383 -21.44 14.63 -5.23
C HIS A 383 -22.54 15.38 -4.50
N MET A 384 -22.99 16.52 -5.02
CA MET A 384 -24.09 17.23 -4.39
C MET A 384 -25.37 16.38 -4.37
N ASN A 385 -25.69 15.77 -5.51
CA ASN A 385 -26.91 15.01 -5.65
C ASN A 385 -26.66 13.53 -5.91
N LEU A 386 -25.40 13.09 -5.83
CA LEU A 386 -25.03 11.71 -6.15
C LEU A 386 -25.48 11.34 -7.56
N ALA A 387 -25.40 12.30 -8.48
CA ALA A 387 -25.83 12.06 -9.84
C ALA A 387 -24.76 11.31 -10.60
N GLU A 388 -25.17 10.29 -11.35
CA GLU A 388 -24.24 9.46 -12.09
C GLU A 388 -24.71 9.32 -13.53
N LYS A 389 -23.79 9.53 -14.47
CA LYS A 389 -24.07 9.36 -15.89
C LYS A 389 -22.92 8.57 -16.50
N SER A 390 -23.23 7.72 -17.48
CA SER A 390 -22.19 6.92 -18.09
C SER A 390 -22.57 6.59 -19.53
N THR A 391 -21.68 6.90 -20.47
CA THR A 391 -21.83 6.51 -21.86
C THR A 391 -20.88 5.37 -22.22
N VAL A 392 -20.10 4.88 -21.25
CA VAL A 392 -19.17 3.80 -21.49
C VAL A 392 -19.86 2.47 -21.21
N HIS A 393 -20.33 2.29 -19.97
CA HIS A 393 -20.99 1.05 -19.59
C HIS A 393 -22.39 0.99 -20.18
N MET A 394 -22.71 -0.12 -20.82
CA MET A 394 -24.05 -0.40 -21.32
C MET A 394 -24.57 -1.67 -20.65
N ARG A 395 -25.78 -2.07 -21.04
CA ARG A 395 -26.47 -3.17 -20.37
C ARG A 395 -26.02 -4.49 -20.97
N LYS A 396 -25.26 -5.27 -20.18
CA LYS A 396 -24.83 -6.60 -20.62
C LYS A 396 -25.79 -7.66 -20.10
N SER A 401 -24.26 -4.87 -15.70
CA SER A 401 -23.61 -4.02 -16.69
C SER A 401 -22.09 -4.12 -16.58
N LEU A 402 -21.45 -4.36 -17.72
CA LEU A 402 -19.99 -4.45 -17.80
C LEU A 402 -19.49 -3.48 -18.85
N THR A 403 -18.17 -3.34 -18.91
CA THR A 403 -17.55 -2.33 -19.77
C THR A 403 -17.79 -2.64 -21.24
N SER A 404 -17.89 -1.56 -22.03
CA SER A 404 -18.01 -1.67 -23.49
C SER A 404 -16.75 -1.20 -24.22
N VAL A 405 -15.67 -0.96 -23.49
CA VAL A 405 -14.42 -0.51 -24.08
C VAL A 405 -13.35 -1.56 -23.80
N HIS A 406 -12.15 -1.36 -24.33
CA HIS A 406 -11.04 -2.27 -24.09
C HIS A 406 -10.78 -2.35 -22.59
N PRO A 407 -10.82 -3.53 -21.98
CA PRO A 407 -10.77 -3.61 -20.51
C PRO A 407 -9.47 -3.09 -19.90
N ASP A 408 -8.44 -2.86 -20.71
CA ASP A 408 -7.18 -2.37 -20.16
C ASP A 408 -7.24 -0.88 -19.81
N LEU A 409 -8.29 -0.18 -20.22
CA LEU A 409 -8.44 1.24 -19.96
C LEU A 409 -9.20 1.55 -18.67
N MET A 410 -9.95 0.57 -18.15
CA MET A 410 -10.60 0.72 -16.86
C MET A 410 -9.61 0.78 -15.69
N LYS A 411 -8.49 0.09 -15.78
CA LYS A 411 -7.46 0.27 -14.77
C LYS A 411 -6.91 1.68 -14.78
N ILE A 412 -6.73 2.26 -15.97
CA ILE A 412 -6.28 3.65 -16.09
C ILE A 412 -7.32 4.58 -15.47
N LEU A 413 -8.60 4.37 -15.82
CA LEU A 413 -9.68 5.17 -15.28
C LEU A 413 -9.80 5.04 -13.77
N GLY A 414 -9.49 3.88 -13.19
CA GLY A 414 -9.52 3.71 -11.76
C GLY A 414 -8.33 4.35 -11.08
N ASP A 415 -7.17 4.32 -11.72
CA ASP A 415 -5.99 4.97 -11.16
C ASP A 415 -6.11 6.49 -11.19
N ILE A 416 -6.73 7.06 -12.22
CA ILE A 416 -6.97 8.49 -12.23
C ILE A 416 -7.86 8.89 -11.06
N ASN A 417 -8.90 8.10 -10.81
CA ASN A 417 -9.73 8.31 -9.62
C ASN A 417 -8.91 8.17 -8.34
N SER A 418 -8.00 7.19 -8.29
CA SER A 418 -7.16 7.00 -7.10
C SER A 418 -6.30 8.22 -6.83
N ASP A 419 -5.71 8.80 -7.88
CA ASP A 419 -4.89 10.00 -7.71
C ASP A 419 -5.72 11.25 -7.47
N PHE A 420 -7.00 11.24 -7.84
CA PHE A 420 -7.82 12.44 -7.69
C PHE A 420 -8.05 12.79 -6.23
N THR A 421 -8.49 11.82 -5.42
CA THR A 421 -9.06 12.13 -4.11
C THR A 421 -8.02 12.64 -3.10
N ARG A 422 -6.74 12.59 -3.43
CA ARG A 422 -5.72 13.16 -2.55
C ARG A 422 -5.83 14.67 -2.43
N VAL A 423 -6.56 15.33 -3.33
CA VAL A 423 -6.73 16.78 -3.32
C VAL A 423 -8.22 17.10 -3.32
N ASP A 424 -8.61 18.11 -2.56
CA ASP A 424 -9.99 18.58 -2.50
C ASP A 424 -10.18 19.89 -3.27
N GLU A 425 -9.51 20.02 -4.41
CA GLU A 425 -9.59 21.23 -5.23
C GLU A 425 -9.77 20.83 -6.68
N ASP A 426 -9.75 21.84 -7.56
CA ASP A 426 -9.83 21.58 -9.00
C ASP A 426 -8.57 20.85 -9.44
N GLU A 427 -8.74 19.89 -10.34
CA GLU A 427 -7.65 19.05 -10.79
C GLU A 427 -7.97 18.48 -12.16
N GLU A 428 -6.93 18.10 -12.89
CA GLU A 428 -7.10 17.54 -14.22
C GLU A 428 -5.90 16.66 -14.55
N ILE A 429 -6.16 15.44 -14.97
CA ILE A 429 -5.12 14.51 -15.39
C ILE A 429 -5.47 14.04 -16.80
N ILE A 430 -4.59 14.31 -17.75
CA ILE A 430 -4.75 13.90 -19.14
C ILE A 430 -3.65 12.91 -19.47
N VAL A 431 -4.03 11.76 -20.01
CA VAL A 431 -3.10 10.65 -20.20
C VAL A 431 -3.34 10.03 -21.58
N LYS A 432 -2.27 9.46 -22.13
CA LYS A 432 -2.34 8.74 -23.40
C LYS A 432 -1.74 7.37 -23.18
N ALA A 433 -2.53 6.33 -23.38
CA ALA A 433 -2.07 4.97 -23.14
C ALA A 433 -1.21 4.50 -24.31
N MET A 434 -0.48 3.40 -24.08
CA MET A 434 0.28 2.78 -25.15
C MET A 434 -0.64 2.20 -26.22
N SER A 435 -1.93 2.05 -25.92
CA SER A 435 -2.93 1.62 -26.90
C SER A 435 -3.55 2.80 -27.65
N ASP A 436 -2.82 3.91 -27.76
CA ASP A 436 -3.20 5.10 -28.54
C ASP A 436 -4.63 5.55 -28.24
N TYR A 437 -5.01 5.51 -26.96
CA TYR A 437 -6.29 6.00 -26.48
C TYR A 437 -6.06 7.18 -25.56
N TRP A 438 -6.92 8.19 -25.64
CA TRP A 438 -6.79 9.37 -24.80
C TRP A 438 -7.79 9.28 -23.65
N VAL A 439 -7.29 9.49 -22.44
CA VAL A 439 -8.11 9.39 -21.23
C VAL A 439 -7.89 10.66 -20.40
N VAL A 440 -8.95 11.43 -20.20
CA VAL A 440 -8.87 12.65 -19.41
C VAL A 440 -9.75 12.51 -18.19
N GLY A 441 -9.39 13.21 -17.12
CA GLY A 441 -10.18 13.26 -15.91
C GLY A 441 -10.14 14.64 -15.28
N LYS A 442 -11.31 15.19 -14.99
CA LYS A 442 -11.44 16.54 -14.46
C LYS A 442 -12.26 16.50 -13.18
N LYS A 443 -11.72 17.08 -12.11
CA LYS A 443 -12.42 17.22 -10.83
C LYS A 443 -12.60 18.69 -10.54
N SER A 444 -13.84 19.17 -10.55
CA SER A 444 -14.13 20.58 -10.35
C SER A 444 -15.42 20.74 -9.57
N ASP A 445 -15.34 21.53 -8.49
CA ASP A 445 -16.49 21.89 -7.64
C ASP A 445 -17.43 20.70 -7.35
N ARG A 446 -16.82 19.59 -6.93
CA ARG A 446 -17.52 18.37 -6.53
C ARG A 446 -18.17 17.66 -7.71
N ARG A 447 -17.55 17.73 -8.88
CA ARG A 447 -17.96 16.98 -10.05
C ARG A 447 -16.73 16.29 -10.63
N GLU A 448 -16.89 15.02 -10.99
CA GLU A 448 -15.82 14.20 -11.55
C GLU A 448 -16.23 13.77 -12.94
N LEU A 449 -15.35 13.99 -13.91
CA LEU A 449 -15.62 13.64 -15.31
C LEU A 449 -14.46 12.82 -15.84
N TYR A 450 -14.76 11.65 -16.38
CA TYR A 450 -13.77 10.77 -16.99
C TYR A 450 -14.14 10.57 -18.45
N VAL A 451 -13.27 11.01 -19.36
CA VAL A 451 -13.53 10.98 -20.78
C VAL A 451 -12.53 10.04 -21.43
N ILE A 452 -13.01 9.20 -22.34
CA ILE A 452 -12.14 8.37 -23.17
C ILE A 452 -12.45 8.68 -24.63
N LEU A 453 -11.39 8.82 -25.43
CA LEU A 453 -11.48 9.20 -26.83
C LEU A 453 -10.56 8.31 -27.65
N ASN A 454 -11.05 7.90 -28.83
CA ASN A 454 -10.24 7.20 -29.82
C ASN A 454 -9.77 8.19 -30.88
N GLN A 455 -8.64 8.85 -30.61
CA GLN A 455 -8.09 9.84 -31.51
C GLN A 455 -6.59 9.62 -31.65
N LYS A 456 -6.20 8.38 -31.99
CA LYS A 456 -4.80 8.01 -32.03
C LYS A 456 -3.94 9.00 -32.79
N ASN A 457 -4.51 9.65 -33.81
CA ASN A 457 -3.81 10.72 -34.54
C ASN A 457 -4.32 12.06 -34.03
N ALA A 458 -3.88 12.43 -32.83
CA ALA A 458 -4.25 13.70 -32.24
C ALA A 458 -3.21 14.10 -31.21
N ASN A 459 -3.03 15.42 -31.05
CA ASN A 459 -2.12 15.97 -30.06
C ASN A 459 -2.90 16.38 -28.81
N LEU A 460 -2.22 17.08 -27.90
CA LEU A 460 -2.85 17.48 -26.65
C LEU A 460 -3.90 18.57 -26.89
N ILE A 461 -3.64 19.46 -27.84
CA ILE A 461 -4.55 20.58 -28.09
C ILE A 461 -5.90 20.08 -28.60
N GLU A 462 -5.89 19.14 -29.54
CA GLU A 462 -7.14 18.60 -30.06
C GLU A 462 -7.91 17.86 -28.98
N VAL A 463 -7.19 17.15 -28.10
CA VAL A 463 -7.85 16.46 -26.99
C VAL A 463 -8.54 17.45 -26.07
N ASN A 464 -7.84 18.55 -25.74
CA ASN A 464 -8.44 19.57 -24.88
C ASN A 464 -9.65 20.22 -25.57
N GLU A 465 -9.55 20.45 -26.87
CA GLU A 465 -10.68 21.02 -27.60
C GLU A 465 -11.89 20.10 -27.57
N GLU A 466 -11.67 18.79 -27.77
CA GLU A 466 -12.77 17.83 -27.68
C GLU A 466 -13.37 17.80 -26.28
N VAL A 467 -12.53 17.85 -25.25
CA VAL A 467 -13.03 17.84 -23.88
C VAL A 467 -13.87 19.09 -23.61
N LYS A 468 -13.41 20.25 -24.08
CA LYS A 468 -14.17 21.48 -23.91
C LYS A 468 -15.50 21.42 -24.66
N LYS A 469 -15.49 20.87 -25.87
CA LYS A 469 -16.73 20.72 -26.63
C LYS A 469 -17.72 19.83 -25.88
N LEU A 470 -17.23 18.71 -25.32
CA LEU A 470 -18.09 17.83 -24.55
C LEU A 470 -18.66 18.54 -23.33
N CYS A 471 -17.81 19.28 -22.62
CA CYS A 471 -18.27 19.99 -21.42
C CYS A 471 -19.28 21.06 -21.77
N ALA A 472 -19.14 21.71 -22.92
CA ALA A 472 -20.09 22.74 -23.32
C ALA A 472 -21.40 22.16 -23.83
N THR A 473 -21.36 21.02 -24.52
CA THR A 473 -22.55 20.47 -25.14
C THR A 473 -23.32 19.55 -24.19
N GLN A 474 -22.69 18.48 -23.73
CA GLN A 474 -23.38 17.51 -22.89
C GLN A 474 -23.65 18.00 -21.48
N PHE A 475 -23.07 19.13 -21.09
CA PHE A 475 -23.24 19.68 -19.74
C PHE A 475 -23.54 21.18 -19.83
N ASN A 476 -24.46 21.54 -20.71
CA ASN A 476 -24.88 22.93 -20.85
C ASN A 476 -25.67 23.40 -19.64
N GLU B 144 6.84 11.11 27.94
CA GLU B 144 6.65 9.85 27.23
C GLU B 144 5.44 9.92 26.29
N GLU B 145 4.35 10.47 26.81
CA GLU B 145 3.15 10.63 25.98
C GLU B 145 3.40 11.58 24.82
N ASP B 146 4.09 12.70 25.08
CA ASP B 146 4.44 13.61 24.00
C ASP B 146 5.45 12.99 23.05
N ALA B 147 6.43 12.26 23.58
CA ALA B 147 7.46 11.65 22.73
C ALA B 147 6.85 10.61 21.80
N THR B 148 5.91 9.81 22.30
CA THR B 148 5.24 8.84 21.45
C THR B 148 4.41 9.53 20.37
N GLU B 149 3.72 10.61 20.73
CA GLU B 149 2.90 11.33 19.76
C GLU B 149 3.76 11.94 18.66
N ALA B 150 4.93 12.48 19.02
CA ALA B 150 5.84 13.00 18.01
C ALA B 150 6.40 11.89 17.14
N TRP B 151 6.65 10.72 17.73
CA TRP B 151 7.18 9.59 16.96
C TRP B 151 6.18 9.13 15.91
N ARG B 152 4.89 9.12 16.24
CA ARG B 152 3.87 8.64 15.33
C ARG B 152 3.66 9.57 14.14
N LEU B 153 4.04 10.84 14.25
CA LEU B 153 3.73 11.83 13.24
C LEU B 153 4.76 11.91 12.12
N HIS B 154 5.84 11.13 12.19
CA HIS B 154 6.84 11.16 11.14
C HIS B 154 6.26 10.63 9.83
N GLN B 155 6.70 11.21 8.72
CA GLN B 155 6.11 10.91 7.43
C GLN B 155 6.58 9.59 6.84
N LYS B 156 7.70 9.04 7.31
CA LYS B 156 8.21 7.79 6.74
C LYS B 156 9.08 7.10 7.80
N HIS B 157 8.50 6.12 8.49
CA HIS B 157 9.26 5.22 9.33
C HIS B 157 9.77 4.06 8.49
N VAL B 158 11.03 3.71 8.69
CA VAL B 158 11.64 2.56 8.01
C VAL B 158 12.21 1.65 9.08
N PHE B 159 11.77 0.40 9.08
CA PHE B 159 12.27 -0.62 10.01
C PHE B 159 12.92 -1.74 9.21
N VAL B 160 14.11 -2.14 9.64
CA VAL B 160 14.80 -3.30 9.09
C VAL B 160 14.98 -4.28 10.23
N LEU B 161 14.58 -5.52 10.00
CA LEU B 161 14.56 -6.52 11.07
C LEU B 161 14.90 -7.88 10.50
N SER B 162 15.40 -8.76 11.35
CA SER B 162 15.71 -10.11 10.90
C SER B 162 14.46 -10.96 10.85
N GLU B 163 14.56 -12.12 10.21
CA GLU B 163 13.43 -13.04 10.14
C GLU B 163 13.09 -13.66 11.50
N ALA B 164 13.96 -13.51 12.50
CA ALA B 164 13.67 -13.94 13.85
C ALA B 164 13.03 -12.84 14.69
N GLY B 165 12.95 -11.62 14.18
CA GLY B 165 12.31 -10.53 14.89
C GLY B 165 13.25 -9.52 15.50
N LYS B 166 14.53 -9.84 15.64
CA LYS B 166 15.45 -8.95 16.32
C LYS B 166 15.67 -7.69 15.49
N PRO B 167 15.61 -6.51 16.12
CA PRO B 167 15.74 -5.26 15.36
C PRO B 167 17.11 -5.12 14.71
N VAL B 168 17.13 -4.49 13.54
CA VAL B 168 18.38 -4.18 12.85
C VAL B 168 18.50 -2.68 12.62
N TYR B 169 17.37 -2.00 12.43
CA TYR B 169 17.43 -0.58 12.12
C TYR B 169 16.05 0.04 12.25
N SER B 170 16.00 1.24 12.84
CA SER B 170 14.79 2.05 12.86
C SER B 170 15.18 3.50 12.56
N ARG B 171 14.45 4.12 11.62
CA ARG B 171 14.80 5.48 11.21
C ARG B 171 14.53 6.46 12.34
N TYR B 172 13.36 6.39 12.95
CA TYR B 172 12.97 7.26 14.06
C TYR B 172 12.75 6.40 15.29
N GLY B 173 13.36 6.80 16.41
CA GLY B 173 13.28 6.04 17.63
C GLY B 173 14.34 4.95 17.70
N SER B 174 14.59 4.50 18.93
CA SER B 174 15.57 3.45 19.13
C SER B 174 15.01 2.09 18.70
N GLU B 175 15.91 1.18 18.34
CA GLU B 175 15.49 -0.15 17.93
C GLU B 175 14.99 -0.96 19.12
N GLU B 176 15.61 -0.80 20.29
CA GLU B 176 15.23 -1.60 21.44
C GLU B 176 13.91 -1.14 22.05
N ALA B 177 13.49 0.10 21.81
CA ALA B 177 12.17 0.54 22.24
C ALA B 177 11.07 0.15 21.27
N LEU B 178 11.43 -0.33 20.08
CA LEU B 178 10.47 -0.77 19.08
C LEU B 178 10.55 -2.28 18.86
N SER B 179 11.17 -3.00 19.79
CA SER B 179 11.38 -4.44 19.60
C SER B 179 10.06 -5.18 19.51
N SER B 180 9.08 -4.81 20.34
CA SER B 180 7.80 -5.50 20.34
C SER B 180 7.06 -5.30 19.03
N THR B 181 7.09 -4.08 18.48
CA THR B 181 6.42 -3.83 17.21
C THR B 181 7.08 -4.58 16.06
N MET B 182 8.41 -4.73 16.09
CA MET B 182 9.07 -5.53 15.08
C MET B 182 8.75 -7.01 15.24
N GLY B 183 8.60 -7.49 16.48
CA GLY B 183 8.10 -8.82 16.68
C GLY B 183 6.71 -9.01 16.09
N VAL B 184 5.87 -7.98 16.23
CA VAL B 184 4.55 -8.02 15.60
C VAL B 184 4.67 -8.10 14.10
N MET B 185 5.63 -7.36 13.53
CA MET B 185 5.84 -7.40 12.09
C MET B 185 6.23 -8.80 11.62
N VAL B 186 7.15 -9.44 12.35
CA VAL B 186 7.56 -10.80 11.98
C VAL B 186 6.41 -11.77 12.14
N ALA B 187 5.61 -11.60 13.19
CA ALA B 187 4.47 -12.48 13.39
C ALA B 187 3.45 -12.32 12.26
N LEU B 188 3.23 -11.09 11.81
CA LEU B 188 2.33 -10.85 10.69
C LEU B 188 2.87 -11.47 9.40
N VAL B 189 4.18 -11.40 9.19
CA VAL B 189 4.79 -12.03 8.02
C VAL B 189 4.62 -13.55 8.08
N SER B 190 4.92 -14.12 9.24
CA SER B 190 4.89 -15.58 9.39
C SER B 190 3.47 -16.13 9.38
N PHE B 191 2.49 -15.34 9.86
CA PHE B 191 1.12 -15.81 9.89
C PHE B 191 0.61 -16.12 8.50
N LEU B 192 0.93 -15.28 7.53
CA LEU B 192 0.55 -15.53 6.15
C LEU B 192 1.54 -16.42 5.41
N GLU B 193 2.81 -16.45 5.84
CA GLU B 193 3.75 -17.40 5.25
C GLU B 193 3.33 -18.83 5.54
N ALA B 194 2.85 -19.10 6.77
CA ALA B 194 2.34 -20.41 7.13
C ALA B 194 1.01 -20.73 6.47
N ASP B 195 0.35 -19.74 5.85
CA ASP B 195 -0.88 -19.95 5.11
C ASP B 195 -0.62 -20.08 3.61
N LYS B 196 0.61 -20.39 3.22
CA LYS B 196 1.02 -20.45 1.82
C LYS B 196 0.77 -19.12 1.11
N ASN B 197 0.91 -18.03 1.84
CA ASN B 197 0.69 -16.67 1.33
C ASN B 197 1.90 -15.81 1.67
N ALA B 198 1.76 -14.51 1.39
CA ALA B 198 2.81 -13.55 1.70
C ALA B 198 2.17 -12.18 1.83
N ILE B 199 2.46 -11.50 2.93
CA ILE B 199 1.89 -10.17 3.18
C ILE B 199 2.67 -9.13 2.37
N ARG B 200 1.94 -8.30 1.64
CA ARG B 200 2.57 -7.24 0.85
C ARG B 200 2.47 -5.88 1.53
N SER B 201 1.25 -5.43 1.83
CA SER B 201 1.07 -4.08 2.34
C SER B 201 -0.25 -3.97 3.08
N ILE B 202 -0.34 -2.96 3.94
CA ILE B 202 -1.54 -2.61 4.67
C ILE B 202 -1.83 -1.14 4.40
N HIS B 203 -2.98 -0.86 3.79
CA HIS B 203 -3.35 0.50 3.41
C HIS B 203 -4.39 1.04 4.38
N ALA B 204 -4.12 2.21 4.96
CA ALA B 204 -5.08 2.87 5.83
C ALA B 204 -5.22 4.31 5.35
N ASP B 205 -6.34 4.92 5.73
CA ASP B 205 -6.61 6.29 5.32
C ASP B 205 -5.47 7.19 5.76
N GLY B 206 -4.66 7.66 4.81
CA GLY B 206 -3.58 8.57 5.08
C GLY B 206 -2.20 7.95 5.09
N TYR B 207 -2.08 6.62 5.16
CA TYR B 207 -0.73 6.04 5.23
C TYR B 207 -0.75 4.59 4.76
N LYS B 208 0.46 4.08 4.57
CA LYS B 208 0.69 2.75 4.01
C LYS B 208 1.82 2.06 4.74
N VAL B 209 1.61 0.81 5.12
CA VAL B 209 2.66 -0.07 5.59
C VAL B 209 3.02 -1.00 4.45
N VAL B 210 4.31 -1.11 4.17
CA VAL B 210 4.81 -1.92 3.06
C VAL B 210 5.82 -2.90 3.60
N PHE B 211 5.63 -4.18 3.29
CA PHE B 211 6.54 -5.25 3.69
C PHE B 211 7.27 -5.75 2.46
N VAL B 212 8.59 -5.86 2.55
CA VAL B 212 9.38 -6.60 1.57
C VAL B 212 10.23 -7.60 2.33
N ARG B 213 10.31 -8.82 1.82
CA ARG B 213 11.04 -9.89 2.48
C ARG B 213 12.18 -10.30 1.57
N ARG B 214 13.39 -9.85 1.90
CA ARG B 214 14.60 -10.24 1.20
C ARG B 214 15.40 -11.05 2.21
N SER B 215 15.12 -12.35 2.25
CA SER B 215 15.66 -13.20 3.31
C SER B 215 17.17 -13.08 3.37
N PRO B 216 17.76 -12.98 4.56
CA PRO B 216 17.16 -13.12 5.90
C PRO B 216 16.58 -11.86 6.52
N LEU B 217 16.09 -10.89 5.77
CA LEU B 217 15.63 -9.63 6.33
C LEU B 217 14.19 -9.34 5.90
N VAL B 218 13.48 -8.66 6.79
CA VAL B 218 12.18 -8.08 6.49
C VAL B 218 12.32 -6.57 6.65
N LEU B 219 11.91 -5.84 5.62
CA LEU B 219 11.98 -4.38 5.62
C LEU B 219 10.56 -3.83 5.53
N VAL B 220 10.22 -2.98 6.49
CA VAL B 220 8.88 -2.42 6.63
C VAL B 220 8.98 -0.91 6.48
N ALA B 221 8.02 -0.32 5.77
CA ALA B 221 7.94 1.11 5.59
C ALA B 221 6.55 1.59 5.94
N VAL B 222 6.44 2.43 6.96
CA VAL B 222 5.19 3.08 7.32
C VAL B 222 5.29 4.51 6.83
N ALA B 223 4.70 4.79 5.68
CA ALA B 223 4.83 6.08 5.01
C ALA B 223 3.48 6.77 4.97
N ARG B 224 3.48 8.04 5.37
CA ARG B 224 2.30 8.90 5.27
C ARG B 224 2.35 9.77 4.01
N THR B 225 3.19 9.41 3.05
CA THR B 225 3.35 10.17 1.83
C THR B 225 2.41 9.65 0.74
N ARG B 226 2.56 10.20 -0.45
CA ARG B 226 1.76 9.82 -1.60
C ARG B 226 2.28 8.57 -2.30
N GLN B 227 3.51 8.15 -2.00
CA GLN B 227 4.15 7.06 -2.73
C GLN B 227 3.31 5.80 -2.67
N SER B 228 3.22 5.10 -3.80
CA SER B 228 2.50 3.84 -3.87
C SER B 228 3.30 2.74 -3.18
N ALA B 229 2.72 1.54 -3.14
CA ALA B 229 3.42 0.41 -2.54
C ALA B 229 4.62 0.00 -3.38
N GLN B 230 4.55 0.18 -4.69
CA GLN B 230 5.65 -0.20 -5.56
C GLN B 230 6.86 0.72 -5.35
N GLU B 231 6.63 2.03 -5.28
CA GLU B 231 7.73 2.96 -5.04
C GLU B 231 8.33 2.76 -3.66
N LEU B 232 7.49 2.52 -2.65
CA LEU B 232 7.98 2.28 -1.31
C LEU B 232 8.76 0.97 -1.23
N ALA B 233 8.32 -0.05 -1.97
CA ALA B 233 9.10 -1.28 -2.04
C ALA B 233 10.43 -1.04 -2.74
N GLN B 234 10.45 -0.15 -3.73
CA GLN B 234 11.71 0.21 -4.39
C GLN B 234 12.65 0.90 -3.42
N GLU B 235 12.12 1.81 -2.59
CA GLU B 235 12.96 2.46 -1.58
C GLU B 235 13.49 1.45 -0.55
N LEU B 236 12.63 0.52 -0.13
CA LEU B 236 13.09 -0.51 0.81
C LEU B 236 14.14 -1.41 0.17
N LEU B 237 14.00 -1.68 -1.12
CA LEU B 237 15.03 -2.44 -1.83
C LEU B 237 16.32 -1.66 -1.95
N TYR B 238 16.23 -0.34 -2.11
CA TYR B 238 17.43 0.49 -2.06
C TYR B 238 18.12 0.40 -0.70
N ILE B 239 17.34 0.39 0.37
CA ILE B 239 17.91 0.17 1.71
C ILE B 239 18.56 -1.19 1.80
N TYR B 240 17.91 -2.22 1.24
CA TYR B 240 18.46 -3.57 1.25
C TYR B 240 19.79 -3.63 0.50
N TYR B 241 19.86 -2.97 -0.66
CA TYR B 241 21.10 -2.92 -1.42
C TYR B 241 22.16 -2.08 -0.73
N GLN B 242 21.75 -1.08 0.06
CA GLN B 242 22.71 -0.35 0.88
C GLN B 242 23.32 -1.23 1.94
N ILE B 243 22.51 -2.09 2.57
CA ILE B 243 23.05 -3.03 3.56
C ILE B 243 23.95 -4.05 2.87
N LEU B 244 23.55 -4.50 1.67
CA LEU B 244 24.37 -5.43 0.92
C LEU B 244 25.72 -4.80 0.55
N SER B 245 25.72 -3.52 0.18
CA SER B 245 26.97 -2.84 -0.17
C SER B 245 27.96 -2.85 0.98
N LEU B 246 27.49 -3.01 2.21
CA LEU B 246 28.40 -3.11 3.35
C LEU B 246 28.72 -4.55 3.73
N LEU B 247 27.81 -5.49 3.52
CA LEU B 247 27.99 -6.83 4.06
C LEU B 247 28.27 -7.93 3.04
N THR B 248 27.94 -7.72 1.77
CA THR B 248 27.89 -8.75 0.73
C THR B 248 26.77 -9.76 1.01
N GLY B 249 26.03 -10.12 -0.03
CA GLY B 249 24.92 -11.05 0.15
C GLY B 249 25.38 -12.41 0.60
N ALA B 250 26.55 -12.85 0.13
CA ALA B 250 27.08 -14.14 0.55
C ALA B 250 27.31 -14.17 2.04
N GLN B 251 27.99 -13.14 2.58
CA GLN B 251 28.22 -13.09 4.01
C GLN B 251 26.92 -12.94 4.78
N LEU B 252 25.99 -12.13 4.28
CA LEU B 252 24.70 -11.96 4.96
C LEU B 252 23.97 -13.29 5.10
N SER B 253 23.79 -13.99 3.98
CA SER B 253 23.08 -15.26 4.00
C SER B 253 23.82 -16.29 4.85
N HIS B 254 25.15 -16.34 4.75
CA HIS B 254 25.89 -17.33 5.52
C HIS B 254 25.78 -17.08 7.02
N ILE B 255 25.93 -15.82 7.45
CA ILE B 255 25.89 -15.53 8.88
C ILE B 255 24.49 -15.72 9.43
N PHE B 256 23.46 -15.49 8.62
CA PHE B 256 22.09 -15.65 9.11
C PHE B 256 21.50 -17.03 8.83
N GLN B 257 22.25 -17.92 8.17
CA GLN B 257 21.85 -19.32 8.09
C GLN B 257 22.65 -20.20 9.04
N GLN B 258 23.85 -19.77 9.43
CA GLN B 258 24.54 -20.46 10.53
C GLN B 258 23.79 -20.27 11.84
N LYS B 259 23.19 -19.10 12.03
CA LYS B 259 22.38 -18.82 13.21
C LYS B 259 21.42 -17.68 12.88
N GLN B 260 20.16 -17.84 13.25
CA GLN B 260 19.16 -16.81 13.04
C GLN B 260 18.86 -16.01 14.30
N ASN B 261 19.54 -16.30 15.40
CA ASN B 261 19.49 -15.46 16.59
C ASN B 261 20.55 -14.37 16.57
N TYR B 262 21.29 -14.24 15.47
CA TYR B 262 22.32 -13.23 15.34
C TYR B 262 21.71 -11.83 15.34
N ASP B 263 22.45 -10.88 15.89
CA ASP B 263 22.07 -9.47 15.89
C ASP B 263 22.86 -8.76 14.79
N LEU B 264 22.18 -8.44 13.68
CA LEU B 264 22.84 -7.79 12.56
C LEU B 264 23.31 -6.38 12.90
N ARG B 265 22.78 -5.79 13.98
CA ARG B 265 23.25 -4.47 14.40
C ARG B 265 24.72 -4.50 14.77
N ARG B 266 25.24 -5.67 15.15
CA ARG B 266 26.65 -5.78 15.47
C ARG B 266 27.53 -5.47 14.27
N LEU B 267 27.15 -5.99 13.10
CA LEU B 267 27.89 -5.70 11.87
C LEU B 267 27.56 -4.32 11.32
N LEU B 268 26.34 -3.84 11.54
CA LEU B 268 25.90 -2.55 11.02
C LEU B 268 26.10 -1.42 12.02
N SER B 269 26.87 -1.64 13.08
CA SER B 269 27.09 -0.58 14.06
C SER B 269 27.91 0.54 13.45
N GLY B 270 27.44 1.77 13.59
CA GLY B 270 28.09 2.92 13.01
C GLY B 270 27.72 3.21 11.57
N SER B 271 26.92 2.36 10.94
CA SER B 271 26.51 2.54 9.55
C SER B 271 25.07 3.00 9.43
N GLU B 272 24.46 3.45 10.53
CA GLU B 272 23.10 3.98 10.46
C GLU B 272 23.07 5.26 9.63
N ARG B 273 24.02 6.16 9.89
CA ARG B 273 24.03 7.46 9.21
C ARG B 273 24.06 7.31 7.69
N ILE B 274 24.65 6.23 7.19
CA ILE B 274 24.57 5.95 5.76
C ILE B 274 23.13 5.73 5.35
N THR B 275 22.36 5.02 6.16
CA THR B 275 20.95 4.78 5.84
C THR B 275 20.14 6.07 5.90
N ASP B 276 20.36 6.91 6.91
CA ASP B 276 19.65 8.19 6.95
C ASP B 276 20.02 9.08 5.77
N ASN B 277 21.31 9.11 5.40
CA ASN B 277 21.72 9.91 4.26
C ASN B 277 21.09 9.39 2.97
N LEU B 278 21.01 8.07 2.82
CA LEU B 278 20.38 7.50 1.63
C LEU B 278 18.90 7.84 1.57
N LEU B 279 18.22 7.80 2.72
CA LEU B 279 16.80 8.15 2.75
C LEU B 279 16.61 9.63 2.41
N GLN B 280 17.47 10.50 2.93
CA GLN B 280 17.39 11.92 2.58
C GLN B 280 17.63 12.14 1.09
N LEU B 281 18.62 11.42 0.52
CA LEU B 281 18.88 11.54 -0.90
C LEU B 281 17.67 11.10 -1.73
N MET B 282 17.03 9.99 -1.34
CA MET B 282 15.76 9.64 -1.97
C MET B 282 14.77 10.78 -1.86
N ALA B 283 14.74 11.45 -0.69
CA ALA B 283 13.77 12.51 -0.47
C ALA B 283 14.01 13.70 -1.39
N ARG B 284 15.26 13.96 -1.78
CA ARG B 284 15.54 15.18 -2.54
C ARG B 284 16.28 14.98 -3.87
N ASP B 285 16.97 13.86 -4.09
CA ASP B 285 17.75 13.68 -5.31
C ASP B 285 16.89 13.05 -6.39
N PRO B 286 16.80 13.64 -7.59
CA PRO B 286 16.02 13.02 -8.67
C PRO B 286 16.67 11.79 -9.27
N SER B 287 17.93 11.51 -8.97
CA SER B 287 18.62 10.37 -9.59
C SER B 287 17.99 9.05 -9.19
N PHE B 288 17.63 8.90 -7.91
CA PHE B 288 17.07 7.65 -7.44
C PHE B 288 15.74 7.33 -8.11
N LEU B 289 14.87 8.34 -8.22
CA LEU B 289 13.63 8.14 -8.96
C LEU B 289 13.89 7.87 -10.43
N MET B 290 14.82 8.61 -11.04
CA MET B 290 15.13 8.42 -12.44
C MET B 290 15.80 7.08 -12.70
N GLY B 291 16.56 6.57 -11.74
CA GLY B 291 17.41 5.42 -12.02
C GLY B 291 18.47 5.72 -13.04
N ALA B 292 18.97 6.94 -13.07
CA ALA B 292 19.93 7.39 -14.07
C ALA B 292 20.84 8.44 -13.48
N ALA B 293 21.99 8.62 -14.12
CA ALA B 293 23.01 9.54 -13.64
C ALA B 293 22.82 10.93 -14.23
N ARG B 294 23.26 11.94 -13.48
CA ARG B 294 23.24 13.32 -13.92
C ARG B 294 24.65 13.76 -14.27
N CYS B 295 24.79 14.41 -15.43
CA CYS B 295 26.07 14.86 -15.92
C CYS B 295 26.26 16.33 -15.61
N LEU B 296 27.42 16.69 -15.10
CA LEU B 296 27.73 18.08 -14.82
C LEU B 296 27.92 18.83 -16.14
N PRO B 297 27.21 19.93 -16.37
CA PRO B 297 27.39 20.67 -17.63
C PRO B 297 28.81 21.18 -17.76
N LEU B 298 29.49 20.71 -18.81
CA LEU B 298 30.89 21.02 -19.02
C LEU B 298 31.17 21.10 -20.51
N ALA B 299 32.08 22.00 -20.88
CA ALA B 299 32.39 22.21 -22.29
C ALA B 299 32.95 20.93 -22.90
N ALA B 300 32.62 20.71 -24.17
CA ALA B 300 32.99 19.46 -24.83
C ALA B 300 34.50 19.27 -24.87
N ALA B 301 35.25 20.32 -25.18
CA ALA B 301 36.71 20.21 -25.20
C ALA B 301 37.23 19.84 -23.83
N VAL B 302 36.75 20.51 -22.78
CA VAL B 302 37.20 20.22 -21.43
C VAL B 302 36.76 18.82 -21.01
N ARG B 303 35.53 18.43 -21.35
CA ARG B 303 35.04 17.11 -20.95
C ARG B 303 35.88 16.00 -21.60
N ASP B 304 36.17 16.13 -22.89
CA ASP B 304 37.03 15.13 -23.53
C ASP B 304 38.45 15.17 -23.00
N THR B 305 38.96 16.35 -22.66
CA THR B 305 40.31 16.42 -22.09
C THR B 305 40.38 15.69 -20.76
N VAL B 306 39.41 15.92 -19.87
CA VAL B 306 39.43 15.25 -18.58
C VAL B 306 39.15 13.76 -18.74
N SER B 307 38.32 13.38 -19.71
CA SER B 307 38.08 11.95 -19.96
C SER B 307 39.35 11.26 -20.44
N ALA B 308 40.10 11.90 -21.34
CA ALA B 308 41.36 11.32 -21.80
C ALA B 308 42.37 11.25 -20.67
N SER B 309 42.40 12.27 -19.80
CA SER B 309 43.28 12.22 -18.64
C SER B 309 42.91 11.06 -17.71
N LEU B 310 41.60 10.83 -17.52
CA LEU B 310 41.15 9.69 -16.72
C LEU B 310 41.58 8.38 -17.35
N GLN B 311 41.41 8.24 -18.67
CA GLN B 311 41.76 7.00 -19.34
C GLN B 311 43.26 6.72 -19.28
N GLN B 312 44.09 7.76 -19.45
CA GLN B 312 45.53 7.57 -19.48
C GLN B 312 46.07 7.02 -18.17
N ALA B 313 45.42 7.32 -17.04
CA ALA B 313 45.85 6.84 -15.73
C ALA B 313 45.01 5.60 -15.40
N ARG B 314 45.56 4.43 -15.70
CA ARG B 314 44.86 3.17 -15.53
C ARG B 314 45.78 2.14 -14.89
N ALA B 315 45.17 1.16 -14.24
CA ALA B 315 45.87 0.04 -13.65
C ALA B 315 45.16 -1.26 -14.04
N ARG B 316 45.84 -2.38 -13.79
CA ARG B 316 45.29 -3.67 -14.18
C ARG B 316 44.02 -3.99 -13.40
N SER B 317 44.01 -3.71 -12.10
CA SER B 317 42.88 -4.08 -11.25
C SER B 317 41.70 -3.13 -11.35
N LEU B 318 41.87 -1.95 -11.96
CA LEU B 318 40.78 -1.00 -12.03
C LEU B 318 39.66 -1.51 -12.93
N VAL B 319 38.41 -1.26 -12.50
CA VAL B 319 37.24 -1.60 -13.26
C VAL B 319 36.48 -0.36 -13.71
N PHE B 320 36.41 0.66 -12.87
CA PHE B 320 35.74 1.91 -13.20
C PHE B 320 36.57 3.08 -12.71
N SER B 321 36.40 4.22 -13.38
CA SER B 321 37.01 5.48 -12.97
C SER B 321 35.92 6.54 -13.05
N ILE B 322 35.57 7.12 -11.90
CA ILE B 322 34.44 8.02 -11.80
C ILE B 322 34.92 9.37 -11.29
N LEU B 323 34.46 10.44 -11.91
CA LEU B 323 34.71 11.80 -11.45
C LEU B 323 33.38 12.41 -11.02
N LEU B 324 33.36 12.94 -9.80
CA LEU B 324 32.11 13.30 -9.13
C LEU B 324 32.14 14.74 -8.67
N ALA B 325 30.99 15.40 -8.78
CA ALA B 325 30.82 16.77 -8.30
C ALA B 325 29.39 16.91 -7.82
N ARG B 326 29.21 16.90 -6.49
CA ARG B 326 27.91 17.10 -5.84
C ARG B 326 26.86 16.14 -6.40
N ASN B 327 27.19 14.85 -6.34
CA ASN B 327 26.33 13.79 -6.86
C ASN B 327 26.04 13.97 -8.35
N GLN B 328 26.99 14.55 -9.07
CA GLN B 328 26.90 14.72 -10.52
C GLN B 328 28.10 14.05 -11.17
N LEU B 329 27.88 13.49 -12.35
CA LEU B 329 28.93 12.81 -13.09
C LEU B 329 29.69 13.82 -13.95
N VAL B 330 31.01 13.69 -13.98
CA VAL B 330 31.86 14.53 -14.82
C VAL B 330 32.50 13.71 -15.95
N ALA B 331 33.08 12.56 -15.61
CA ALA B 331 33.67 11.68 -16.61
C ALA B 331 33.75 10.29 -16.02
N LEU B 332 33.23 9.31 -16.75
CA LEU B 332 33.24 7.91 -16.33
C LEU B 332 34.01 7.08 -17.34
N VAL B 333 34.98 6.31 -16.86
CA VAL B 333 35.78 5.41 -17.68
C VAL B 333 35.60 4.00 -17.14
N ARG B 334 35.01 3.12 -17.94
CA ARG B 334 34.68 1.77 -17.52
C ARG B 334 35.51 0.76 -18.30
N ARG B 335 35.56 -0.47 -17.77
CA ARG B 335 36.26 -1.55 -18.44
C ARG B 335 35.42 -2.10 -19.59
N LYS B 336 36.08 -2.83 -20.48
CA LYS B 336 35.41 -3.40 -21.64
C LYS B 336 34.39 -4.43 -21.20
N ASP B 337 33.15 -4.28 -21.67
CA ASP B 337 32.03 -5.18 -21.35
C ASP B 337 31.81 -5.31 -19.85
N GLN B 338 32.02 -4.23 -19.10
CA GLN B 338 31.72 -4.19 -17.66
C GLN B 338 30.85 -2.96 -17.43
N PHE B 339 29.53 -3.13 -17.58
CA PHE B 339 28.61 -2.04 -17.37
C PHE B 339 28.52 -1.69 -15.88
N LEU B 340 28.11 -0.46 -15.61
CA LEU B 340 27.88 0.02 -14.26
C LEU B 340 26.39 0.25 -14.09
N HIS B 341 25.76 -0.54 -13.21
CA HIS B 341 24.33 -0.39 -12.96
C HIS B 341 24.07 0.93 -12.25
N PRO B 342 22.95 1.59 -12.53
CA PRO B 342 22.66 2.86 -11.83
C PRO B 342 22.56 2.71 -10.32
N ILE B 343 22.12 1.55 -9.81
CA ILE B 343 21.94 1.39 -8.38
C ILE B 343 23.29 1.41 -7.66
N ASP B 344 24.31 0.78 -8.24
CA ASP B 344 25.63 0.85 -7.64
C ASP B 344 26.16 2.28 -7.63
N LEU B 345 25.89 3.03 -8.70
CA LEU B 345 26.33 4.42 -8.75
C LEU B 345 25.61 5.26 -7.70
N HIS B 346 24.32 5.03 -7.48
CA HIS B 346 23.60 5.75 -6.43
C HIS B 346 24.12 5.37 -5.04
N LEU B 347 24.42 4.09 -4.83
CA LEU B 347 25.00 3.68 -3.56
C LEU B 347 26.36 4.34 -3.34
N LEU B 348 27.14 4.50 -4.42
CA LEU B 348 28.41 5.20 -4.31
C LEU B 348 28.22 6.69 -4.04
N PHE B 349 27.21 7.30 -4.66
CA PHE B 349 26.83 8.67 -4.32
C PHE B 349 26.62 8.80 -2.82
N ASN B 350 25.78 7.91 -2.28
CA ASN B 350 25.44 7.97 -0.86
C ASN B 350 26.66 7.70 0.02
N LEU B 351 27.53 6.78 -0.41
CA LEU B 351 28.73 6.47 0.36
C LEU B 351 29.66 7.68 0.45
N ILE B 352 29.89 8.35 -0.68
CA ILE B 352 30.80 9.49 -0.66
C ILE B 352 30.17 10.69 0.04
N SER B 353 28.86 10.87 -0.08
CA SER B 353 28.21 12.04 0.48
C SER B 353 27.79 11.88 1.93
N SER B 354 28.12 10.76 2.58
CA SER B 354 27.72 10.52 3.95
C SER B 354 28.79 10.87 4.97
N SER B 355 30.06 10.84 4.59
CA SER B 355 31.16 11.04 5.52
C SER B 355 32.10 12.13 5.01
N SER B 356 32.68 12.88 5.95
CA SER B 356 33.70 13.87 5.63
C SER B 356 35.12 13.32 5.69
N SER B 357 35.30 12.07 6.14
CA SER B 357 36.63 11.47 6.20
C SER B 357 37.25 11.33 4.82
N PHE B 358 36.45 11.36 3.76
CA PHE B 358 37.00 11.32 2.40
C PHE B 358 37.65 12.64 2.01
N ARG B 359 37.37 13.72 2.73
CA ARG B 359 37.95 15.03 2.43
C ARG B 359 39.31 15.24 3.07
N GLU B 360 39.74 14.33 3.94
CA GLU B 360 41.05 14.47 4.60
C GLU B 360 42.19 13.88 3.78
N GLY B 361 41.90 13.21 2.69
CA GLY B 361 42.94 12.65 1.85
C GLY B 361 42.43 11.43 1.10
N GLU B 362 43.27 10.41 1.04
CA GLU B 362 42.96 9.20 0.30
C GLU B 362 42.21 8.20 1.17
N ALA B 363 41.18 7.58 0.60
CA ALA B 363 40.39 6.57 1.27
C ALA B 363 40.55 5.23 0.58
N TRP B 364 40.53 4.16 1.37
CA TRP B 364 40.66 2.79 0.86
C TRP B 364 39.73 1.90 1.68
N THR B 365 38.51 1.71 1.19
CA THR B 365 37.51 0.96 1.93
C THR B 365 36.90 -0.13 1.05
N PRO B 366 36.53 -1.26 1.64
CA PRO B 366 35.82 -2.30 0.87
C PRO B 366 34.35 -1.93 0.70
N VAL B 367 33.89 -1.95 -0.55
CA VAL B 367 32.50 -1.66 -0.88
C VAL B 367 32.03 -2.72 -1.86
N CYS B 368 30.81 -3.20 -1.67
CA CYS B 368 30.21 -4.20 -2.54
C CYS B 368 29.21 -3.53 -3.47
N LEU B 369 29.23 -3.93 -4.74
CA LEU B 369 28.28 -3.46 -5.73
C LEU B 369 27.22 -4.52 -5.91
N PRO B 370 26.08 -4.43 -5.20
CA PRO B 370 25.14 -5.56 -5.20
C PRO B 370 24.58 -5.93 -6.56
N LYS B 371 24.31 -4.94 -7.42
CA LYS B 371 23.77 -5.24 -8.74
C LYS B 371 24.82 -5.72 -9.72
N PHE B 372 26.10 -5.56 -9.38
CA PHE B 372 27.20 -6.03 -10.22
C PHE B 372 27.65 -7.43 -9.79
N ASN B 373 28.08 -7.56 -8.54
CA ASN B 373 28.50 -8.85 -8.00
C ASN B 373 28.16 -8.85 -6.51
N ALA B 374 27.06 -9.50 -6.14
CA ALA B 374 26.58 -9.48 -4.77
C ALA B 374 27.33 -10.46 -3.86
N ALA B 375 28.24 -11.26 -4.39
CA ALA B 375 28.96 -12.25 -3.61
C ALA B 375 30.44 -11.91 -3.44
N GLY B 376 30.82 -10.65 -3.65
CA GLY B 376 32.21 -10.28 -3.54
C GLY B 376 32.36 -8.83 -3.13
N PHE B 377 33.58 -8.49 -2.70
CA PHE B 377 33.91 -7.15 -2.22
C PHE B 377 34.83 -6.47 -3.24
N PHE B 378 34.43 -5.29 -3.70
CA PHE B 378 35.33 -4.42 -4.43
C PHE B 378 36.16 -3.61 -3.44
N HIS B 379 37.01 -2.73 -3.97
CA HIS B 379 37.78 -1.82 -3.13
C HIS B 379 37.85 -0.48 -3.85
N ALA B 380 37.32 0.57 -3.23
CA ALA B 380 37.19 1.87 -3.86
C ALA B 380 38.21 2.82 -3.25
N HIS B 381 39.02 3.44 -4.11
CA HIS B 381 39.87 4.55 -3.71
C HIS B 381 39.09 5.84 -3.94
N ILE B 382 38.81 6.55 -2.86
CA ILE B 382 38.05 7.80 -2.90
C ILE B 382 38.97 8.93 -2.50
N SER B 383 39.04 9.96 -3.34
CA SER B 383 39.90 11.09 -3.06
C SER B 383 39.23 12.38 -3.50
N TYR B 384 39.72 13.50 -2.97
CA TYR B 384 39.33 14.83 -3.43
C TYR B 384 40.57 15.49 -4.02
N LEU B 385 40.43 15.99 -5.25
CA LEU B 385 41.61 16.48 -5.97
C LEU B 385 42.19 17.73 -5.33
N GLU B 386 41.33 18.71 -5.03
CA GLU B 386 41.79 19.93 -4.37
C GLU B 386 40.94 20.19 -3.14
N PRO B 387 41.54 20.74 -2.08
CA PRO B 387 40.78 20.95 -0.83
C PRO B 387 39.58 21.87 -0.99
N ASP B 388 39.68 22.90 -1.84
CA ASP B 388 38.59 23.85 -1.99
C ASP B 388 37.51 23.37 -2.94
N THR B 389 37.76 22.35 -3.74
CA THR B 389 36.80 21.89 -4.72
C THR B 389 35.97 20.73 -4.16
N ASP B 390 34.89 20.42 -4.87
CA ASP B 390 34.04 19.28 -4.56
C ASP B 390 34.28 18.10 -5.50
N LEU B 391 35.36 18.14 -6.28
CA LEU B 391 35.67 17.03 -7.18
C LEU B 391 36.05 15.80 -6.38
N CYS B 392 35.28 14.73 -6.54
CA CYS B 392 35.53 13.46 -5.89
C CYS B 392 35.88 12.43 -6.96
N LEU B 393 37.04 11.78 -6.80
CA LEU B 393 37.51 10.77 -7.72
C LEU B 393 37.36 9.40 -7.05
N LEU B 394 36.62 8.52 -7.72
CA LEU B 394 36.38 7.15 -7.26
C LEU B 394 37.03 6.18 -8.25
N LEU B 395 37.89 5.31 -7.73
CA LEU B 395 38.57 4.30 -8.53
C LEU B 395 38.25 2.93 -7.93
N VAL B 396 37.45 2.14 -8.64
CA VAL B 396 37.00 0.84 -8.17
C VAL B 396 37.99 -0.23 -8.64
N SER B 397 38.37 -1.13 -7.75
CA SER B 397 39.36 -2.15 -8.06
C SER B 397 38.90 -3.49 -7.49
N THR B 398 39.41 -4.56 -8.08
CA THR B 398 39.11 -5.91 -7.64
C THR B 398 40.12 -6.46 -6.64
N ASP B 399 41.21 -5.74 -6.37
CA ASP B 399 42.29 -6.24 -5.54
C ASP B 399 42.41 -5.42 -4.27
N ARG B 400 42.48 -6.11 -3.14
CA ARG B 400 42.65 -5.41 -1.86
C ARG B 400 44.08 -4.91 -1.70
N GLU B 401 45.06 -5.72 -2.09
CA GLU B 401 46.46 -5.35 -1.86
C GLU B 401 46.87 -4.15 -2.70
N ASP B 402 46.31 -4.02 -3.90
CA ASP B 402 46.71 -2.95 -4.80
C ASP B 402 46.15 -1.61 -4.35
N PHE B 403 46.91 -0.90 -3.52
CA PHE B 403 46.57 0.46 -3.10
C PHE B 403 47.59 1.49 -3.56
N PHE B 404 48.87 1.14 -3.55
CA PHE B 404 49.90 2.04 -4.07
C PHE B 404 49.70 2.29 -5.55
N ALA B 405 49.33 1.25 -6.30
CA ALA B 405 49.08 1.42 -7.74
C ALA B 405 47.91 2.37 -7.99
N VAL B 406 46.83 2.25 -7.21
CA VAL B 406 45.68 3.11 -7.41
C VAL B 406 45.99 4.54 -6.97
N SER B 407 46.76 4.70 -5.90
CA SER B 407 47.22 6.03 -5.52
C SER B 407 48.07 6.64 -6.62
N ASP B 408 48.93 5.84 -7.26
CA ASP B 408 49.63 6.30 -8.45
C ASP B 408 48.63 6.79 -9.50
N CYS B 409 47.80 5.88 -10.00
CA CYS B 409 46.79 6.23 -11.01
C CYS B 409 45.91 7.42 -10.62
N ARG B 410 45.83 7.81 -9.35
CA ARG B 410 45.18 9.07 -8.97
C ARG B 410 46.11 10.26 -9.15
N ARG B 411 47.34 10.17 -8.64
CA ARG B 411 48.29 11.26 -8.76
C ARG B 411 48.61 11.55 -10.22
N ARG B 412 48.76 10.48 -11.01
CA ARG B 412 49.05 10.58 -12.44
C ARG B 412 47.95 11.34 -13.17
N PHE B 413 46.69 10.99 -12.89
CA PHE B 413 45.59 11.70 -13.50
C PHE B 413 45.56 13.16 -13.06
N GLN B 414 45.85 13.42 -11.78
CA GLN B 414 45.86 14.80 -11.29
C GLN B 414 46.91 15.64 -12.01
N GLU B 415 48.11 15.10 -12.17
CA GLU B 415 49.17 15.86 -12.81
C GLU B 415 48.97 15.94 -14.31
N ARG B 416 48.30 14.95 -14.90
CA ARG B 416 47.88 15.06 -16.29
C ARG B 416 46.90 16.22 -16.47
N LEU B 417 45.93 16.33 -15.56
CA LEU B 417 44.96 17.42 -15.63
C LEU B 417 45.63 18.76 -15.43
N ARG B 418 46.59 18.84 -14.50
CA ARG B 418 47.31 20.10 -14.28
C ARG B 418 48.15 20.46 -15.49
N LYS B 419 48.78 19.47 -16.13
CA LYS B 419 49.64 19.74 -17.27
C LYS B 419 48.87 20.31 -18.44
N ARG B 420 47.69 19.75 -18.74
CA ARG B 420 46.89 20.22 -19.86
C ARG B 420 46.20 21.55 -19.58
N GLY B 421 46.20 22.02 -18.33
CA GLY B 421 45.57 23.28 -18.01
C GLY B 421 44.06 23.24 -17.92
N ALA B 422 43.46 22.05 -17.95
CA ALA B 422 42.01 21.94 -17.87
C ALA B 422 41.48 22.10 -16.45
N HIS B 423 42.35 22.18 -15.44
CA HIS B 423 41.88 22.34 -14.08
C HIS B 423 41.25 23.72 -13.85
N LEU B 424 41.74 24.76 -14.53
CA LEU B 424 41.09 26.05 -14.47
C LEU B 424 39.67 25.98 -15.01
N ALA B 425 39.48 25.31 -16.15
CA ALA B 425 38.15 25.17 -16.73
C ALA B 425 37.25 24.34 -15.83
N LEU B 426 37.80 23.28 -15.23
CA LEU B 426 36.99 22.48 -14.31
C LEU B 426 36.57 23.29 -13.09
N ARG B 427 37.47 24.11 -12.56
CA ARG B 427 37.13 24.97 -11.43
C ARG B 427 36.05 25.97 -11.82
N GLU B 428 36.16 26.55 -13.02
CA GLU B 428 35.14 27.46 -13.51
C GLU B 428 33.79 26.76 -13.61
N ALA B 429 33.77 25.53 -14.12
CA ALA B 429 32.53 24.78 -14.20
C ALA B 429 31.97 24.45 -12.83
N LEU B 430 32.85 24.19 -11.86
CA LEU B 430 32.41 23.89 -10.50
C LEU B 430 31.83 25.11 -9.82
N ARG B 431 32.36 26.31 -10.13
CA ARG B 431 31.82 27.52 -9.52
C ARG B 431 30.35 27.71 -9.86
N THR B 432 29.93 27.28 -11.04
CA THR B 432 28.53 27.27 -11.46
C THR B 432 28.20 25.86 -11.93
N PRO B 433 27.92 24.94 -11.00
CA PRO B 433 27.71 23.54 -11.37
C PRO B 433 26.29 23.18 -11.76
N TYR B 434 25.41 24.17 -11.93
CA TYR B 434 24.06 23.94 -12.45
C TYR B 434 23.75 25.04 -13.45
N TYR B 435 22.66 24.85 -14.20
CA TYR B 435 22.18 25.85 -15.12
C TYR B 435 20.73 26.18 -14.82
N SER B 436 20.35 27.42 -15.10
CA SER B 436 19.00 27.90 -14.80
C SER B 436 18.02 27.48 -15.88
N VAL B 437 16.74 27.53 -15.53
CA VAL B 437 15.69 27.31 -16.51
C VAL B 437 15.66 28.44 -17.53
N ALA B 438 15.95 29.67 -17.09
CA ALA B 438 15.89 30.82 -17.98
C ALA B 438 16.83 30.70 -19.17
N GLN B 439 17.87 29.87 -19.07
CA GLN B 439 18.75 29.65 -20.23
C GLN B 439 17.98 29.06 -21.40
N VAL B 440 16.97 28.24 -21.12
CA VAL B 440 16.21 27.61 -22.20
C VAL B 440 15.49 28.68 -23.02
N GLY B 441 14.89 29.66 -22.35
CA GLY B 441 14.25 30.76 -23.03
C GLY B 441 12.74 30.70 -23.09
N ILE B 442 12.14 29.57 -22.77
CA ILE B 442 10.69 29.43 -22.76
C ILE B 442 10.17 29.88 -21.40
N PRO B 443 9.29 30.87 -21.33
CA PRO B 443 8.72 31.26 -20.04
C PRO B 443 7.83 30.19 -19.44
N ASP B 444 7.22 30.48 -18.29
CA ASP B 444 6.28 29.60 -17.59
C ASP B 444 6.84 28.18 -17.38
N LEU B 445 8.15 28.01 -17.43
CA LEU B 445 8.80 26.75 -17.09
C LEU B 445 9.59 26.93 -15.81
N ARG B 446 9.57 25.93 -14.94
CA ARG B 446 10.19 26.02 -13.63
C ARG B 446 11.26 24.97 -13.39
N HIS B 447 11.09 23.76 -13.93
CA HIS B 447 12.03 22.68 -13.75
C HIS B 447 11.70 21.60 -14.76
N PHE B 448 12.70 20.79 -15.12
CA PHE B 448 12.45 19.66 -15.98
C PHE B 448 13.47 18.57 -15.68
N LEU B 449 13.10 17.34 -16.02
CA LEU B 449 14.00 16.20 -16.04
C LEU B 449 13.98 15.61 -17.44
N TYR B 450 15.14 15.28 -17.97
CA TYR B 450 15.23 14.64 -19.28
C TYR B 450 16.21 13.48 -19.18
N LYS B 451 15.72 12.27 -19.38
CA LYS B 451 16.56 11.08 -19.37
C LYS B 451 16.59 10.49 -20.77
N SER B 452 17.78 10.10 -21.22
CA SER B 452 17.95 9.43 -22.49
C SER B 452 18.02 7.93 -22.24
N LYS B 453 17.11 7.18 -22.86
CA LYS B 453 17.07 5.74 -22.64
C LYS B 453 18.31 5.05 -23.19
N SER B 454 18.82 5.54 -24.33
CA SER B 454 19.99 4.91 -24.94
C SER B 454 21.22 5.03 -24.05
N SER B 455 21.45 6.21 -23.47
CA SER B 455 22.66 6.45 -22.69
C SER B 455 22.48 6.21 -21.20
N GLY B 456 21.25 6.20 -20.71
CA GLY B 456 21.03 6.00 -19.29
C GLY B 456 21.45 7.18 -18.43
N LEU B 457 21.48 8.37 -19.00
CA LEU B 457 21.84 9.59 -18.28
C LEU B 457 20.71 10.60 -18.39
N PHE B 458 20.56 11.42 -17.35
CA PHE B 458 19.53 12.43 -17.30
C PHE B 458 20.14 13.78 -16.93
N THR B 459 19.44 14.84 -17.33
CA THR B 459 19.82 16.20 -17.02
C THR B 459 18.62 16.96 -16.46
N SER B 460 18.91 17.92 -15.59
CA SER B 460 17.89 18.73 -14.95
C SER B 460 18.51 20.04 -14.52
N PRO B 461 17.79 21.16 -14.63
CA PRO B 461 18.36 22.44 -14.21
C PRO B 461 18.38 22.56 -12.69
N GLU B 462 18.97 23.65 -12.21
CA GLU B 462 18.99 23.92 -10.79
C GLU B 462 17.58 24.15 -10.28
N ILE B 463 17.31 23.68 -9.06
CA ILE B 463 16.00 23.89 -8.45
C ILE B 463 15.96 25.28 -7.85
N GLU B 464 15.06 26.11 -8.38
CA GLU B 464 14.97 27.52 -8.01
C GLU B 464 13.59 27.78 -7.38
N ALA B 465 13.29 29.06 -7.17
CA ALA B 465 12.02 29.44 -6.60
C ALA B 465 10.87 28.93 -7.48
N PRO B 466 9.75 28.53 -6.87
CA PRO B 466 9.42 28.59 -5.44
C PRO B 466 9.94 27.40 -4.64
N TYR B 467 10.70 26.49 -5.25
CA TYR B 467 11.21 25.33 -4.52
C TYR B 467 12.55 25.64 -3.87
N THR B 468 12.61 26.76 -3.15
CA THR B 468 13.82 27.10 -2.41
C THR B 468 13.96 26.26 -1.15
N SER B 469 12.87 26.07 -0.42
CA SER B 469 12.88 25.33 0.83
C SER B 469 12.94 23.83 0.57
N GLU B 470 13.31 23.08 1.61
CA GLU B 470 13.40 21.63 1.49
C GLU B 470 12.04 20.98 1.32
N GLU B 471 11.00 21.54 1.96
CA GLU B 471 9.65 21.00 1.80
C GLU B 471 9.18 21.11 0.35
N GLU B 472 9.44 22.26 -0.29
CA GLU B 472 9.00 22.44 -1.67
C GLU B 472 9.79 21.57 -2.62
N GLN B 473 11.09 21.39 -2.37
CA GLN B 473 11.88 20.46 -3.18
C GLN B 473 11.36 19.04 -3.05
N GLU B 474 11.03 18.63 -1.82
CA GLU B 474 10.45 17.30 -1.60
C GLU B 474 9.12 17.16 -2.32
N ARG B 475 8.28 18.20 -2.30
CA ARG B 475 7.00 18.14 -2.98
C ARG B 475 7.18 18.03 -4.50
N LEU B 476 8.11 18.78 -5.06
CA LEU B 476 8.36 18.69 -6.50
C LEU B 476 8.88 17.31 -6.87
N LEU B 477 9.80 16.76 -6.07
CA LEU B 477 10.30 15.41 -6.31
C LEU B 477 9.17 14.39 -6.19
N GLY B 478 8.23 14.61 -5.26
CA GLY B 478 7.09 13.71 -5.15
C GLY B 478 6.18 13.77 -6.35
N LEU B 479 5.98 14.97 -6.89
CA LEU B 479 5.21 15.10 -8.13
C LEU B 479 5.90 14.35 -9.27
N TYR B 480 7.22 14.48 -9.36
CA TYR B 480 7.96 13.74 -10.38
C TYR B 480 7.85 12.25 -10.17
N GLN B 481 7.87 11.80 -8.91
CA GLN B 481 7.72 10.39 -8.61
C GLN B 481 6.35 9.87 -9.03
N TYR B 482 5.31 10.66 -8.77
CA TYR B 482 3.97 10.28 -9.21
C TYR B 482 3.90 10.15 -10.72
N LEU B 483 4.45 11.14 -11.44
CA LEU B 483 4.44 11.11 -12.90
C LEU B 483 5.18 9.88 -13.42
N HIS B 484 6.38 9.63 -12.89
CA HIS B 484 7.19 8.51 -13.35
C HIS B 484 6.51 7.17 -13.07
N SER B 485 5.95 7.01 -11.87
CA SER B 485 5.30 5.77 -11.53
C SER B 485 4.07 5.52 -12.39
N ARG B 486 3.26 6.56 -12.63
CA ARG B 486 2.08 6.38 -13.46
C ARG B 486 2.48 6.04 -14.90
N ALA B 487 3.46 6.75 -15.44
CA ALA B 487 3.86 6.52 -16.83
C ALA B 487 4.63 5.22 -17.01
N HIS B 488 5.10 4.60 -15.94
CA HIS B 488 5.90 3.39 -16.02
C HIS B 488 5.23 2.23 -15.31
N ASN B 489 3.91 2.12 -15.43
CA ASN B 489 3.21 0.98 -14.87
C ASN B 489 3.56 -0.28 -15.67
N ALA B 490 3.76 -1.38 -14.95
CA ALA B 490 4.20 -2.61 -15.59
C ALA B 490 3.16 -3.12 -16.59
N SER B 491 1.88 -3.06 -16.23
CA SER B 491 0.81 -3.55 -17.08
C SER B 491 0.05 -2.44 -17.80
N ARG B 492 0.04 -1.23 -17.26
CA ARG B 492 -0.62 -0.11 -17.90
C ARG B 492 0.34 1.04 -18.17
N PRO B 493 1.31 0.85 -19.07
CA PRO B 493 2.26 1.92 -19.36
C PRO B 493 1.61 3.04 -20.16
N LEU B 494 2.16 4.24 -20.01
CA LEU B 494 1.64 5.43 -20.66
C LEU B 494 2.78 6.17 -21.34
N LYS B 495 2.43 7.00 -22.31
CA LYS B 495 3.41 7.75 -23.08
C LYS B 495 3.26 9.26 -22.99
N THR B 496 2.18 9.76 -22.40
CA THR B 496 1.98 11.18 -22.23
C THR B 496 1.04 11.40 -21.05
N ILE B 497 1.48 12.22 -20.10
CA ILE B 497 0.68 12.59 -18.93
C ILE B 497 0.68 14.11 -18.81
N TYR B 498 -0.50 14.69 -18.65
CA TYR B 498 -0.62 16.12 -18.39
C TYR B 498 -1.49 16.34 -17.17
N TYR B 499 -0.89 16.85 -16.11
CA TYR B 499 -1.57 17.12 -14.85
C TYR B 499 -1.68 18.62 -14.65
N THR B 500 -2.90 19.09 -14.39
CA THR B 500 -3.16 20.52 -14.22
C THR B 500 -3.71 20.74 -12.81
N GLY B 501 -2.82 20.89 -11.84
CA GLY B 501 -3.21 21.15 -10.48
C GLY B 501 -3.28 22.63 -10.17
N PRO B 502 -3.88 22.98 -9.03
CA PRO B 502 -3.94 24.40 -8.64
C PRO B 502 -2.59 25.00 -8.34
N ASN B 503 -1.57 24.20 -8.03
CA ASN B 503 -0.27 24.70 -7.65
C ASN B 503 0.75 24.64 -8.78
N GLU B 504 0.67 23.66 -9.66
CA GLU B 504 1.64 23.49 -10.73
C GLU B 504 0.98 22.78 -11.90
N ASN B 505 1.65 22.82 -13.04
CA ASN B 505 1.31 21.98 -14.18
C ASN B 505 2.47 21.00 -14.40
N LEU B 506 2.15 19.74 -14.62
CA LEU B 506 3.14 18.70 -14.79
C LEU B 506 2.94 18.04 -16.15
N LEU B 507 4.04 17.76 -16.82
CA LEU B 507 4.01 17.12 -18.12
C LEU B 507 4.98 15.95 -18.13
N ALA B 508 4.58 14.88 -18.81
CA ALA B 508 5.42 13.68 -18.94
C ALA B 508 5.29 13.19 -20.37
N TRP B 509 6.42 13.08 -21.06
CA TRP B 509 6.46 12.49 -22.40
C TRP B 509 7.48 11.37 -22.37
N VAL B 510 7.01 10.13 -22.49
CA VAL B 510 7.87 8.95 -22.43
C VAL B 510 7.76 8.21 -23.75
N THR B 511 8.89 8.06 -24.43
CA THR B 511 9.00 7.28 -25.65
C THR B 511 10.01 6.15 -25.43
N GLY B 512 10.33 5.44 -26.51
CA GLY B 512 11.34 4.40 -26.42
C GLY B 512 12.76 4.91 -26.40
N ALA B 513 12.97 6.19 -26.66
CA ALA B 513 14.31 6.78 -26.70
C ALA B 513 14.61 7.69 -25.54
N PHE B 514 13.61 8.37 -24.98
CA PHE B 514 13.84 9.32 -23.90
C PHE B 514 12.56 9.45 -23.08
N GLU B 515 12.71 10.00 -21.88
CA GLU B 515 11.59 10.41 -21.05
C GLU B 515 11.85 11.81 -20.53
N LEU B 516 10.85 12.68 -20.67
CA LEU B 516 10.98 14.09 -20.31
C LEU B 516 9.85 14.48 -19.38
N TYR B 517 10.19 15.02 -18.21
CA TYR B 517 9.23 15.48 -17.22
C TYR B 517 9.41 16.97 -17.02
N MET B 518 8.31 17.72 -17.08
CA MET B 518 8.32 19.18 -17.12
C MET B 518 7.40 19.75 -16.04
N CYS B 519 7.81 20.89 -15.49
CA CYS B 519 7.03 21.62 -14.50
C CYS B 519 6.77 23.03 -15.02
N TYR B 520 5.51 23.44 -15.03
CA TYR B 520 5.09 24.76 -15.42
C TYR B 520 4.37 25.44 -14.27
N SER B 521 4.37 26.77 -14.29
CA SER B 521 3.51 27.51 -13.39
C SER B 521 2.05 27.23 -13.73
N PRO B 522 1.15 27.29 -12.75
CA PRO B 522 -0.26 26.99 -13.03
C PRO B 522 -0.89 27.92 -14.06
N LEU B 523 -0.29 29.08 -14.31
CA LEU B 523 -0.80 30.00 -15.32
C LEU B 523 -0.46 29.57 -16.74
N GLY B 524 0.43 28.60 -16.92
CA GLY B 524 0.80 28.16 -18.25
C GLY B 524 -0.34 27.39 -18.91
N THR B 525 -0.52 27.61 -20.21
CA THR B 525 -1.59 26.97 -20.95
C THR B 525 -1.08 25.70 -21.62
N LYS B 526 -1.97 25.02 -22.36
CA LYS B 526 -1.60 23.77 -23.01
C LYS B 526 -0.74 24.02 -24.25
N ALA B 527 -1.12 25.00 -25.07
CA ALA B 527 -0.32 25.33 -26.24
C ALA B 527 1.07 25.81 -25.82
N SER B 528 1.13 26.60 -24.75
CA SER B 528 2.42 26.98 -24.19
C SER B 528 3.21 25.75 -23.75
N ALA B 529 2.53 24.75 -23.21
CA ALA B 529 3.21 23.52 -22.79
C ALA B 529 3.81 22.81 -24.00
N VAL B 530 3.07 22.71 -25.10
CA VAL B 530 3.59 22.03 -26.29
C VAL B 530 4.76 22.81 -26.89
N SER B 531 4.63 24.15 -26.94
CA SER B 531 5.73 24.97 -27.42
C SER B 531 6.97 24.81 -26.55
N ALA B 532 6.75 24.69 -25.22
CA ALA B 532 7.86 24.42 -24.32
C ALA B 532 8.51 23.07 -24.62
N ILE B 533 7.69 22.06 -24.91
CA ILE B 533 8.24 20.76 -25.29
C ILE B 533 9.18 20.92 -26.47
N HIS B 534 8.72 21.59 -27.52
CA HIS B 534 9.53 21.68 -28.73
C HIS B 534 10.77 22.53 -28.52
N LYS B 535 10.64 23.67 -27.83
CA LYS B 535 11.79 24.53 -27.59
C LYS B 535 12.82 23.84 -26.70
N LEU B 536 12.38 23.12 -25.67
CA LEU B 536 13.34 22.41 -24.82
C LEU B 536 13.99 21.25 -25.56
N MET B 537 13.25 20.56 -26.44
CA MET B 537 13.89 19.53 -27.25
C MET B 537 14.98 20.12 -28.12
N ARG B 538 14.69 21.25 -28.77
CA ARG B 538 15.71 21.92 -29.58
C ARG B 538 16.91 22.33 -28.73
N TRP B 539 16.65 22.92 -27.56
CA TRP B 539 17.74 23.39 -26.71
C TRP B 539 18.60 22.24 -26.19
N ILE B 540 17.99 21.13 -25.80
CA ILE B 540 18.77 19.97 -25.38
C ILE B 540 19.55 19.37 -26.54
N ARG B 541 18.96 19.30 -27.73
CA ARG B 541 19.70 18.82 -28.89
C ARG B 541 20.79 19.79 -29.35
N LYS B 542 20.77 21.03 -28.87
CA LYS B 542 21.83 21.98 -29.12
C LYS B 542 22.92 21.95 -28.05
N GLU B 543 22.52 21.83 -26.77
CA GLU B 543 23.48 21.77 -25.68
C GLU B 543 23.90 20.34 -25.36
N GLU B 544 23.47 19.37 -26.17
CA GLU B 544 23.67 17.95 -25.89
C GLU B 544 25.13 17.62 -25.59
N ASP B 545 26.06 18.21 -26.34
CA ASP B 545 27.47 17.95 -26.10
C ASP B 545 27.90 18.45 -24.73
N ARG B 546 27.40 19.60 -24.31
CA ARG B 546 27.80 20.19 -23.04
C ARG B 546 27.13 19.50 -21.85
N LEU B 547 25.91 19.01 -22.02
CA LEU B 547 25.14 18.49 -20.90
C LEU B 547 25.29 16.99 -20.70
N PHE B 548 25.76 16.25 -21.70
CA PHE B 548 25.85 14.79 -21.61
C PHE B 548 27.26 14.32 -21.94
N ILE B 549 27.60 13.15 -21.42
CA ILE B 549 28.79 12.41 -21.86
C ILE B 549 28.36 11.64 -23.11
N LEU B 550 28.76 12.15 -24.27
CA LEU B 550 28.32 11.54 -25.53
C LEU B 550 29.20 10.40 -25.98
N THR B 551 30.48 10.40 -25.61
CA THR B 551 31.44 9.39 -26.03
C THR B 551 32.05 8.77 -24.77
N PRO B 552 31.34 7.85 -24.12
CA PRO B 552 31.88 7.24 -22.91
C PRO B 552 33.16 6.47 -23.22
N LEU B 553 34.21 6.81 -22.48
CA LEU B 553 35.52 6.23 -22.74
C LEU B 553 35.60 4.82 -22.16
N THR B 554 36.74 4.17 -22.42
CA THR B 554 36.98 2.82 -21.97
C THR B 554 38.48 2.59 -21.93
N TYR B 555 38.94 1.84 -20.94
CA TYR B 555 40.37 1.56 -20.78
C TYR B 555 40.98 0.94 -22.03
N VAL C 7 22.49 -5.94 23.62
CA VAL C 7 22.25 -7.38 23.67
C VAL C 7 20.76 -7.65 23.75
N LEU C 8 20.18 -8.14 22.65
CA LEU C 8 18.77 -8.45 22.58
C LEU C 8 18.59 -9.96 22.47
N LEU C 9 17.67 -10.50 23.28
CA LEU C 9 17.41 -11.93 23.33
C LEU C 9 15.95 -12.20 22.98
N LYS C 10 15.71 -13.27 22.24
CA LYS C 10 14.37 -13.72 21.91
C LYS C 10 14.02 -14.90 22.83
N VAL C 11 13.04 -14.70 23.70
CA VAL C 11 12.68 -15.67 24.72
C VAL C 11 11.25 -16.14 24.46
N ILE C 12 11.07 -17.46 24.45
CA ILE C 12 9.76 -18.08 24.22
C ILE C 12 9.25 -18.64 25.53
N ILE C 13 8.01 -18.30 25.89
CA ILE C 13 7.36 -18.82 27.08
C ILE C 13 6.28 -19.79 26.62
N LEU C 14 6.38 -21.04 27.04
CA LEU C 14 5.45 -22.08 26.62
C LEU C 14 4.46 -22.35 27.75
N GLY C 15 3.17 -22.18 27.44
CA GLY C 15 2.12 -22.29 28.43
C GLY C 15 1.44 -20.97 28.66
N ASP C 16 1.05 -20.70 29.90
CA ASP C 16 0.45 -19.42 30.29
C ASP C 16 -0.77 -19.08 29.44
N SER C 17 -1.80 -19.91 29.56
CA SER C 17 -3.06 -19.68 28.86
C SER C 17 -3.82 -18.59 29.60
N GLY C 18 -3.38 -17.35 29.40
CA GLY C 18 -3.98 -16.22 30.09
C GLY C 18 -4.50 -15.15 29.16
N VAL C 19 -3.97 -15.09 27.93
CA VAL C 19 -4.31 -14.07 26.94
C VAL C 19 -4.03 -12.70 27.52
N GLY C 20 -5.03 -12.09 28.16
CA GLY C 20 -4.87 -10.77 28.73
C GLY C 20 -4.27 -10.81 30.11
N LYS C 21 -4.72 -11.75 30.94
CA LYS C 21 -4.20 -11.91 32.29
C LYS C 21 -3.15 -13.03 32.29
N THR C 22 -2.02 -12.74 31.64
CA THR C 22 -0.89 -13.66 31.63
C THR C 22 -0.24 -13.77 33.00
N SER C 23 -0.58 -12.90 33.94
CA SER C 23 -0.09 -12.93 35.31
C SER C 23 1.40 -12.66 35.35
N LEU C 24 2.20 -13.67 34.97
CA LEU C 24 3.65 -13.50 35.00
C LEU C 24 4.11 -12.46 33.99
N MET C 25 3.69 -12.62 32.74
CA MET C 25 4.04 -11.70 31.67
C MET C 25 3.20 -10.43 31.68
N ASN C 26 2.45 -10.19 32.75
CA ASN C 26 1.81 -8.90 33.00
C ASN C 26 2.38 -8.19 34.21
N GLN C 27 2.91 -8.93 35.18
CA GLN C 27 3.53 -8.36 36.36
C GLN C 27 5.06 -8.34 36.29
N TYR C 28 5.64 -8.82 35.20
CA TYR C 28 7.10 -8.84 35.07
C TYR C 28 7.76 -7.47 35.24
N VAL C 29 7.57 -6.57 34.27
CA VAL C 29 8.33 -5.32 34.19
C VAL C 29 7.57 -4.38 33.25
N ASN C 30 7.65 -3.07 33.54
CA ASN C 30 7.26 -2.00 32.62
C ASN C 30 5.76 -1.84 32.51
N LYS C 31 5.09 -2.78 31.86
CA LYS C 31 3.70 -2.77 31.41
C LYS C 31 3.52 -1.93 30.16
N LYS C 32 4.57 -1.24 29.70
CA LYS C 32 4.57 -0.58 28.40
C LYS C 32 5.22 -1.52 27.39
N PHE C 33 5.09 -1.18 26.10
CA PHE C 33 5.46 -2.11 25.03
C PHE C 33 4.67 -3.39 25.20
N SER C 34 3.35 -3.28 25.35
CA SER C 34 2.51 -4.42 25.67
C SER C 34 2.33 -5.33 24.46
N ASN C 35 1.70 -4.82 23.40
CA ASN C 35 1.52 -5.55 22.15
C ASN C 35 0.91 -6.92 22.37
N GLN C 36 -0.35 -6.95 22.80
CA GLN C 36 -1.05 -8.18 23.18
C GLN C 36 -1.77 -8.76 21.96
N TYR C 37 -1.19 -9.82 21.39
CA TYR C 37 -1.80 -10.58 20.31
C TYR C 37 -1.72 -12.08 20.59
N LYS C 38 -2.05 -12.50 21.80
CA LYS C 38 -1.99 -13.91 22.17
C LYS C 38 -3.29 -14.64 21.85
N ALA C 39 -4.31 -13.92 21.41
CA ALA C 39 -5.55 -14.55 20.99
C ALA C 39 -5.83 -14.32 19.51
N THR C 40 -4.92 -13.70 18.78
CA THR C 40 -5.15 -13.38 17.38
C THR C 40 -3.97 -13.82 16.52
N ILE C 41 -2.78 -13.80 17.10
CA ILE C 41 -1.57 -14.20 16.40
C ILE C 41 -1.03 -15.46 17.06
N GLY C 42 -1.27 -15.60 18.37
CA GLY C 42 -0.75 -16.70 19.12
C GLY C 42 0.53 -16.43 19.87
N ALA C 43 0.94 -15.17 19.98
CA ALA C 43 2.13 -14.81 20.71
C ALA C 43 1.95 -13.44 21.35
N ASP C 44 2.56 -13.25 22.50
CA ASP C 44 2.62 -11.96 23.18
C ASP C 44 4.01 -11.38 23.01
N PHE C 45 4.08 -10.15 22.54
CA PHE C 45 5.36 -9.49 22.25
C PHE C 45 5.61 -8.44 23.32
N LEU C 46 6.51 -8.73 24.24
CA LEU C 46 6.80 -7.88 25.39
C LEU C 46 8.27 -7.54 25.39
N THR C 47 8.61 -6.46 26.10
CA THR C 47 10.00 -6.05 26.25
C THR C 47 10.32 -5.92 27.73
N LYS C 48 11.49 -6.41 28.12
CA LYS C 48 11.88 -6.45 29.52
C LYS C 48 13.39 -6.30 29.62
N GLU C 49 13.84 -5.21 30.25
CA GLU C 49 15.27 -4.97 30.39
C GLU C 49 15.79 -5.72 31.62
N VAL C 50 16.94 -6.37 31.45
CA VAL C 50 17.51 -7.22 32.50
C VAL C 50 18.95 -6.78 32.74
N MET C 51 19.30 -6.59 34.01
CA MET C 51 20.62 -6.13 34.40
C MET C 51 21.43 -7.31 34.92
N VAL C 52 22.46 -7.72 34.18
CA VAL C 52 23.25 -8.90 34.52
C VAL C 52 24.72 -8.63 34.24
N ASP C 53 25.55 -8.68 35.29
CA ASP C 53 27.01 -8.70 35.17
C ASP C 53 27.52 -7.53 34.33
N ASP C 54 27.28 -6.31 34.81
CA ASP C 54 27.74 -5.08 34.18
C ASP C 54 27.26 -4.94 32.73
N ARG C 55 26.26 -5.73 32.34
CA ARG C 55 25.72 -5.70 31.00
C ARG C 55 24.20 -5.66 31.09
N LEU C 56 23.58 -4.83 30.26
CA LEU C 56 22.13 -4.66 30.24
C LEU C 56 21.62 -5.36 28.98
N VAL C 57 20.88 -6.44 29.17
CA VAL C 57 20.32 -7.19 28.06
C VAL C 57 18.84 -6.87 27.94
N THR C 58 18.32 -6.98 26.73
CA THR C 58 16.90 -6.77 26.45
C THR C 58 16.28 -8.08 26.03
N MET C 59 15.10 -8.37 26.55
CA MET C 59 14.39 -9.62 26.26
C MET C 59 13.20 -9.30 25.37
N GLN C 60 13.27 -9.73 24.11
CA GLN C 60 12.11 -9.72 23.23
C GLN C 60 11.34 -11.01 23.53
N ILE C 61 10.45 -10.93 24.51
CA ILE C 61 9.78 -12.11 25.03
C ILE C 61 8.60 -12.46 24.12
N TRP C 62 8.56 -13.71 23.67
CA TRP C 62 7.48 -14.23 22.83
C TRP C 62 6.68 -15.21 23.69
N ASP C 63 5.67 -14.69 24.39
CA ASP C 63 4.75 -15.53 25.16
C ASP C 63 3.74 -16.13 24.21
N THR C 64 4.03 -17.32 23.70
CA THR C 64 3.25 -17.92 22.64
C THR C 64 2.02 -18.64 23.20
N ALA C 65 0.90 -18.49 22.50
CA ALA C 65 -0.32 -19.17 22.90
C ALA C 65 -0.22 -20.66 22.59
N GLY C 66 -0.86 -21.47 23.44
CA GLY C 66 -0.77 -22.91 23.31
C GLY C 66 -1.95 -23.57 22.66
N GLN C 67 -2.77 -22.79 21.95
CA GLN C 67 -3.94 -23.36 21.29
C GLN C 67 -3.51 -24.23 20.11
N GLU C 68 -4.44 -25.07 19.66
CA GLU C 68 -4.15 -26.03 18.60
C GLU C 68 -4.22 -25.43 17.21
N ARG C 69 -4.82 -24.24 17.06
CA ARG C 69 -4.83 -23.59 15.75
C ARG C 69 -3.54 -22.82 15.47
N PHE C 70 -2.63 -22.73 16.44
CA PHE C 70 -1.36 -22.04 16.27
C PHE C 70 -0.19 -23.01 16.19
N GLN C 71 -0.46 -24.29 15.92
CA GLN C 71 0.62 -25.28 15.87
C GLN C 71 1.46 -25.11 14.61
N SER C 72 0.83 -24.78 13.48
CA SER C 72 1.54 -24.60 12.22
C SER C 72 2.49 -23.40 12.25
N LEU C 73 2.36 -22.52 13.23
CA LEU C 73 3.19 -21.33 13.34
C LEU C 73 4.41 -21.53 14.22
N GLY C 74 4.62 -22.73 14.76
CA GLY C 74 5.76 -22.96 15.62
C GLY C 74 7.08 -22.87 14.90
N VAL C 75 7.17 -23.44 13.70
CA VAL C 75 8.43 -23.43 12.97
C VAL C 75 8.85 -22.01 12.63
N ALA C 76 7.88 -21.11 12.48
CA ALA C 76 8.18 -19.73 12.13
C ALA C 76 8.43 -18.87 13.36
N PHE C 77 7.56 -18.98 14.38
CA PHE C 77 7.65 -18.13 15.55
C PHE C 77 8.83 -18.48 16.45
N TYR C 78 9.39 -19.67 16.31
CA TYR C 78 10.45 -20.14 17.19
C TYR C 78 11.84 -20.01 16.59
N ARG C 79 11.95 -19.57 15.34
CA ARG C 79 13.26 -19.45 14.72
C ARG C 79 14.02 -18.26 15.30
N GLY C 80 15.31 -18.46 15.54
CA GLY C 80 16.13 -17.44 16.14
C GLY C 80 15.97 -17.29 17.64
N ALA C 81 15.20 -18.17 18.27
CA ALA C 81 15.01 -18.09 19.71
C ALA C 81 16.29 -18.45 20.44
N ASP C 82 16.63 -17.66 21.45
CA ASP C 82 17.84 -17.90 22.23
C ASP C 82 17.59 -18.81 23.43
N CYS C 83 16.37 -18.81 23.97
CA CYS C 83 16.04 -19.63 25.12
C CYS C 83 14.53 -19.75 25.22
N CYS C 84 14.09 -20.76 25.97
CA CYS C 84 12.67 -21.02 26.17
C CYS C 84 12.38 -21.26 27.63
N VAL C 85 11.26 -20.71 28.10
CA VAL C 85 10.84 -20.81 29.49
C VAL C 85 9.53 -21.59 29.56
N LEU C 86 9.48 -22.59 30.42
CA LEU C 86 8.31 -23.45 30.57
C LEU C 86 7.60 -23.12 31.88
N VAL C 87 6.30 -22.92 31.81
CA VAL C 87 5.46 -22.77 33.00
C VAL C 87 4.68 -24.06 33.18
N PHE C 88 4.89 -24.71 34.31
CA PHE C 88 4.40 -26.06 34.55
C PHE C 88 3.45 -26.05 35.73
N ASP C 89 2.22 -26.52 35.50
CA ASP C 89 1.22 -26.55 36.56
C ASP C 89 1.52 -27.69 37.53
N VAL C 90 1.48 -27.39 38.83
CA VAL C 90 1.71 -28.39 39.87
C VAL C 90 0.42 -29.10 40.26
N THR C 91 -0.66 -28.88 39.52
CA THR C 91 -1.95 -29.49 39.76
C THR C 91 -2.43 -30.25 38.54
N ALA C 92 -1.53 -31.06 37.96
CA ALA C 92 -1.86 -31.89 36.81
C ALA C 92 -1.48 -33.33 37.09
N PRO C 93 -2.21 -34.29 36.51
CA PRO C 93 -1.88 -35.71 36.74
C PRO C 93 -0.89 -36.26 35.73
N ASN C 94 -0.72 -35.55 34.61
CA ASN C 94 0.19 -35.97 33.54
C ASN C 94 1.46 -35.14 33.53
N THR C 95 2.01 -34.85 34.71
CA THR C 95 3.15 -33.93 34.81
C THR C 95 4.35 -34.44 34.01
N PHE C 96 4.78 -35.67 34.27
CA PHE C 96 5.99 -36.17 33.66
C PHE C 96 5.81 -36.51 32.19
N LYS C 97 4.57 -36.74 31.76
CA LYS C 97 4.29 -37.07 30.37
C LYS C 97 3.98 -35.85 29.52
N THR C 98 3.66 -34.71 30.13
CA THR C 98 3.41 -33.49 29.38
C THR C 98 4.52 -32.46 29.52
N LEU C 99 5.42 -32.60 30.50
CA LEU C 99 6.56 -31.71 30.56
C LEU C 99 7.58 -32.05 29.48
N ASP C 100 7.81 -33.34 29.23
CA ASP C 100 8.75 -33.74 28.19
C ASP C 100 8.20 -33.46 26.80
N SER C 101 6.89 -33.56 26.61
CA SER C 101 6.30 -33.31 25.30
C SER C 101 6.53 -31.88 24.85
N TRP C 102 6.38 -30.92 25.77
CA TRP C 102 6.60 -29.52 25.42
C TRP C 102 8.02 -29.30 24.91
N ARG C 103 9.01 -29.81 25.65
CA ARG C 103 10.40 -29.63 25.26
C ARG C 103 10.71 -30.35 23.95
N ASP C 104 10.17 -31.56 23.77
CA ASP C 104 10.43 -32.30 22.53
C ASP C 104 9.85 -31.58 21.32
N GLU C 105 8.62 -31.07 21.45
CA GLU C 105 8.02 -30.35 20.33
C GLU C 105 8.74 -29.04 20.07
N PHE C 106 9.19 -28.36 21.13
CA PHE C 106 9.99 -27.15 20.93
C PHE C 106 11.27 -27.46 20.18
N LEU C 107 11.96 -28.53 20.57
CA LEU C 107 13.22 -28.85 19.90
C LEU C 107 12.99 -29.32 18.47
N ILE C 108 11.84 -29.92 18.20
CA ILE C 108 11.52 -30.32 16.82
C ILE C 108 11.23 -29.10 15.96
N GLN C 109 10.44 -28.15 16.47
CA GLN C 109 10.02 -27.02 15.64
C GLN C 109 11.09 -25.94 15.54
N ALA C 110 11.64 -25.52 16.68
CA ALA C 110 12.65 -24.46 16.67
C ALA C 110 13.91 -24.90 15.93
N SER C 111 14.36 -26.12 16.17
CA SER C 111 15.55 -26.69 15.54
C SER C 111 16.75 -25.76 15.68
N PRO C 112 17.30 -25.60 16.88
CA PRO C 112 18.52 -24.79 17.04
C PRO C 112 19.74 -25.58 16.59
N ARG C 113 20.90 -24.92 16.65
CA ARG C 113 22.14 -25.58 16.24
C ARG C 113 22.52 -26.69 17.22
N ASP C 114 22.30 -26.47 18.52
CA ASP C 114 22.65 -27.42 19.57
C ASP C 114 21.43 -27.66 20.46
N PRO C 115 20.45 -28.42 19.97
CA PRO C 115 19.23 -28.63 20.78
C PRO C 115 19.49 -29.35 22.09
N GLU C 116 20.54 -30.18 22.17
CA GLU C 116 20.84 -30.89 23.40
C GLU C 116 21.22 -29.92 24.53
N ASN C 117 22.00 -28.89 24.20
CA ASN C 117 22.45 -27.91 25.17
C ASN C 117 21.62 -26.63 25.14
N PHE C 118 20.41 -26.69 24.60
CA PHE C 118 19.57 -25.50 24.55
C PHE C 118 19.18 -25.06 25.95
N PRO C 119 19.25 -23.77 26.27
CA PRO C 119 18.89 -23.32 27.62
C PRO C 119 17.38 -23.36 27.83
N PHE C 120 16.98 -23.93 28.97
CA PHE C 120 15.58 -24.03 29.34
C PHE C 120 15.43 -23.60 30.80
N VAL C 121 14.23 -23.15 31.14
CA VAL C 121 13.90 -22.78 32.51
C VAL C 121 12.45 -23.15 32.78
N VAL C 122 12.19 -23.82 33.90
CA VAL C 122 10.85 -24.26 34.27
C VAL C 122 10.37 -23.42 35.44
N LEU C 123 9.18 -22.85 35.31
CA LEU C 123 8.55 -22.04 36.35
C LEU C 123 7.32 -22.78 36.86
N GLY C 124 7.41 -23.32 38.07
CA GLY C 124 6.24 -23.93 38.69
C GLY C 124 5.22 -22.87 39.03
N ILE C 125 4.00 -23.01 38.52
CA ILE C 125 2.95 -22.04 38.73
C ILE C 125 2.06 -22.53 39.87
N LYS C 126 1.39 -21.58 40.53
CA LYS C 126 0.49 -21.86 41.64
C LYS C 126 1.18 -22.61 42.77
N ALA C 135 4.00 -32.49 43.14
CA ALA C 135 5.04 -32.22 44.12
C ALA C 135 6.27 -31.61 43.47
N THR C 136 7.02 -30.81 44.24
CA THR C 136 8.24 -30.21 43.72
C THR C 136 9.28 -31.25 43.40
N LYS C 137 9.23 -32.41 44.08
CA LYS C 137 10.22 -33.46 43.84
C LYS C 137 10.18 -33.95 42.40
N ARG C 138 8.98 -34.13 41.85
CA ARG C 138 8.85 -34.65 40.49
C ARG C 138 9.45 -33.68 39.47
N ALA C 139 9.08 -32.40 39.55
CA ALA C 139 9.60 -31.43 38.61
C ALA C 139 11.11 -31.25 38.77
N GLN C 140 11.59 -31.22 40.01
CA GLN C 140 13.03 -31.10 40.24
C GLN C 140 13.79 -32.29 39.68
N ALA C 141 13.26 -33.51 39.86
CA ALA C 141 13.89 -34.69 39.30
C ALA C 141 13.89 -34.65 37.78
N TRP C 142 12.78 -34.21 37.17
CA TRP C 142 12.75 -34.09 35.71
C TRP C 142 13.79 -33.09 35.22
N CYS C 143 13.90 -31.95 35.91
CA CYS C 143 14.87 -30.94 35.51
C CYS C 143 16.29 -31.46 35.64
N TYR C 144 16.58 -32.21 36.71
CA TYR C 144 17.90 -32.79 36.87
C TYR C 144 18.18 -33.82 35.78
N SER C 145 17.19 -34.64 35.44
CA SER C 145 17.36 -35.63 34.38
C SER C 145 17.39 -35.00 32.99
N LYS C 146 17.03 -33.72 32.86
CA LYS C 146 17.04 -33.02 31.59
C LYS C 146 18.23 -32.07 31.47
N ASN C 147 19.40 -32.51 31.95
CA ASN C 147 20.65 -31.75 31.88
C ASN C 147 20.61 -30.52 32.78
N ASN C 148 20.05 -30.69 33.98
CA ASN C 148 20.07 -29.68 35.04
C ASN C 148 19.43 -28.36 34.57
N ILE C 149 18.16 -28.44 34.23
CA ILE C 149 17.39 -27.24 33.91
C ILE C 149 17.02 -26.52 35.20
N PRO C 150 17.31 -25.23 35.33
CA PRO C 150 16.94 -24.51 36.56
C PRO C 150 15.43 -24.54 36.76
N TYR C 151 15.02 -24.75 38.01
CA TYR C 151 13.61 -24.80 38.39
C TYR C 151 13.33 -23.75 39.44
N PHE C 152 12.33 -22.91 39.19
CA PHE C 152 11.92 -21.86 40.11
C PHE C 152 10.41 -21.95 40.33
N GLU C 153 9.99 -21.75 41.57
CA GLU C 153 8.58 -21.81 41.94
C GLU C 153 8.01 -20.39 41.93
N THR C 154 6.91 -20.20 41.20
CA THR C 154 6.26 -18.89 41.13
C THR C 154 4.86 -18.94 41.72
N ILE C 160 6.99 -12.24 42.08
CA ILE C 160 8.25 -12.71 42.63
C ILE C 160 8.67 -14.01 41.93
N ASN C 161 9.97 -14.28 41.95
CA ASN C 161 10.56 -15.48 41.36
C ASN C 161 10.37 -15.53 39.86
N VAL C 162 9.78 -14.49 39.28
CA VAL C 162 9.66 -14.36 37.83
C VAL C 162 10.85 -13.52 37.37
N GLU C 163 11.50 -12.86 38.32
CA GLU C 163 12.65 -12.02 38.03
C GLU C 163 13.93 -12.85 38.05
N GLN C 164 14.01 -13.80 38.98
CA GLN C 164 15.20 -14.65 39.10
C GLN C 164 15.38 -15.51 37.85
N ALA C 165 14.29 -16.01 37.30
CA ALA C 165 14.39 -16.87 36.13
C ALA C 165 14.97 -16.12 34.94
N PHE C 166 14.49 -14.90 34.70
CA PHE C 166 14.97 -14.14 33.55
C PHE C 166 16.43 -13.76 33.68
N GLN C 167 16.89 -13.46 34.90
CA GLN C 167 18.30 -13.20 35.10
C GLN C 167 19.14 -14.44 34.83
N THR C 168 18.66 -15.61 35.28
CA THR C 168 19.33 -16.86 34.93
C THR C 168 19.17 -17.16 33.44
N ILE C 169 18.01 -16.82 32.87
CA ILE C 169 17.85 -16.88 31.42
C ILE C 169 18.85 -15.96 30.73
N ALA C 170 19.05 -14.76 31.28
CA ALA C 170 20.10 -13.89 30.79
C ALA C 170 21.48 -14.48 31.04
N ARG C 171 21.67 -15.12 32.19
CA ARG C 171 22.95 -15.75 32.50
C ARG C 171 23.30 -16.80 31.46
N ASN C 172 22.35 -17.67 31.14
CA ASN C 172 22.56 -18.63 30.06
C ASN C 172 22.33 -17.92 28.74
N ALA C 173 22.71 -18.56 27.64
CA ALA C 173 22.52 -18.09 26.27
C ALA C 173 23.40 -16.87 25.99
N LEU C 174 23.93 -16.25 27.03
CA LEU C 174 25.07 -15.35 26.87
C LEU C 174 26.37 -16.11 27.00
N LYS C 175 26.38 -17.15 27.84
CA LYS C 175 27.53 -18.04 27.96
C LYS C 175 27.80 -18.78 26.66
N GLN C 176 26.73 -19.12 25.93
CA GLN C 176 26.90 -19.92 24.72
C GLN C 176 27.46 -19.09 23.56
N GLU C 177 26.76 -18.02 23.18
CA GLU C 177 27.25 -17.19 22.08
C GLU C 177 28.36 -16.27 22.55
N THR C 178 28.07 -15.36 23.47
CA THR C 178 29.07 -14.41 23.97
C THR C 178 30.07 -15.10 24.90
#